data_2D20
#
_entry.id   2D20
#
_cell.length_a   78.472
_cell.length_b   94.111
_cell.length_c   139.860
_cell.angle_alpha   90.00
_cell.angle_beta   90.00
_cell.angle_gamma   90.00
#
_symmetry.space_group_name_H-M   'P 21 21 21'
#
loop_
_entity.id
_entity.type
_entity.pdbx_description
1 polymer ENDO-1,4-BETA-D-XYLANASE
2 branched alpha-D-xylopyranose-(1-4)-alpha-D-xylopyranose
3 non-polymer P-NITROPHENOL
4 non-polymer GLYCEROL
5 water water
#
_entity_poly.entity_id   1
_entity_poly.type   'polypeptide(L)'
_entity_poly.pdbx_seq_one_letter_code
;AESTLGAAAAQSGRYFGTAIASGKLGDSAYTTIASREFNMVTAENEMKIDATEPQRGQFNFSAGDRVYNWAVQNGKQVRG
HTLAWHSQQPGWMQSLSGSTLRQAMIDHINGVMGHYKGKIAQWDVVSHAFSDDGSGGRRDSNLQRTGNDWIEVAFRTARA
ADPAAKLCYNDYNIENWTWAKTQGVYNMVRDFKQRGVPIDCVGFQSHFNSGSPYNSNFRTTLQNFAALGVDVAITELDIQ
GASSSTYAAVTNDCLAVSRCLGITVWGVRDTDSWRSGDTPLLFNGDGSKKAAYTAVLNALNGGSSTPPPSGGGQIKGVGS
GRCLDVPNASTTDGTQVQLYDCHSATNQQWTYTDAGELRVYGDKCLDAAGTGNGTKVQIYSCWGGDNQKWRLNSDGSIVG
VQSGLCLDAVGGGTANGTLIQLYSCSNGSNQRWTRT
;
_entity_poly.pdbx_strand_id   A,B
#
loop_
_chem_comp.id
_chem_comp.type
_chem_comp.name
_chem_comp.formula
GOL non-polymer GLYCEROL 'C3 H8 O3'
NPO non-polymer P-NITROPHENOL 'C6 H5 N O3'
XYS D-saccharide, alpha linking alpha-D-xylopyranose 'C5 H10 O5'
#
# COMPACT_ATOMS: atom_id res chain seq x y z
N ALA A 1 -2.14 -3.61 32.53
CA ALA A 1 -0.66 -3.84 32.57
C ALA A 1 -0.28 -4.81 31.47
N GLU A 2 -1.21 -5.03 30.55
CA GLU A 2 -0.98 -5.94 29.45
C GLU A 2 -1.73 -5.58 28.18
N SER A 3 -2.57 -4.54 28.23
CA SER A 3 -3.35 -4.17 27.04
C SER A 3 -2.71 -3.08 26.17
N THR A 4 -1.68 -2.40 26.69
CA THR A 4 -1.00 -1.35 25.93
C THR A 4 0.50 -1.65 25.91
N LEU A 5 1.22 -1.10 24.93
CA LEU A 5 2.65 -1.36 24.80
C LEU A 5 3.50 -0.94 25.99
N GLY A 6 3.34 0.31 26.43
CA GLY A 6 4.12 0.78 27.56
C GLY A 6 3.91 -0.06 28.79
N ALA A 7 2.65 -0.33 29.13
CA ALA A 7 2.31 -1.12 30.29
C ALA A 7 2.87 -2.54 30.21
N ALA A 8 2.79 -3.14 29.03
CA ALA A 8 3.30 -4.49 28.83
C ALA A 8 4.81 -4.53 29.02
N ALA A 9 5.51 -3.50 28.53
CA ALA A 9 6.95 -3.43 28.68
C ALA A 9 7.32 -3.20 30.15
N ALA A 10 6.50 -2.41 30.84
CA ALA A 10 6.77 -2.10 32.25
C ALA A 10 6.77 -3.34 33.13
N GLN A 11 6.14 -4.41 32.66
CA GLN A 11 6.07 -5.64 33.44
C GLN A 11 7.48 -6.22 33.67
N SER A 12 8.41 -5.87 32.78
CA SER A 12 9.79 -6.35 32.92
C SER A 12 10.74 -5.20 33.24
N GLY A 13 10.17 -4.09 33.70
CA GLY A 13 10.97 -2.93 34.05
C GLY A 13 11.45 -2.13 32.85
N ARG A 14 10.86 -2.38 31.70
CA ARG A 14 11.24 -1.68 30.48
C ARG A 14 10.18 -0.67 30.06
N TYR A 15 10.50 0.11 29.05
CA TYR A 15 9.57 1.10 28.54
C TYR A 15 9.33 0.83 27.07
N PHE A 16 8.29 1.44 26.53
CA PHE A 16 8.03 1.36 25.10
C PHE A 16 7.64 2.79 24.77
N GLY A 17 8.48 3.45 23.99
CA GLY A 17 8.22 4.83 23.67
C GLY A 17 8.04 5.14 22.21
N THR A 18 7.90 6.42 21.92
CA THR A 18 7.72 6.86 20.55
C THR A 18 8.35 8.23 20.39
N ALA A 19 8.44 8.70 19.16
CA ALA A 19 8.97 10.02 18.87
C ALA A 19 7.74 10.90 18.80
N ILE A 20 7.76 12.03 19.49
CA ILE A 20 6.63 12.93 19.50
C ILE A 20 6.97 14.20 18.73
N ALA A 21 6.03 14.64 17.90
CA ALA A 21 6.19 15.86 17.11
C ALA A 21 5.27 16.90 17.73
N SER A 22 5.83 18.02 18.19
CA SER A 22 5.03 19.07 18.83
C SER A 22 3.90 19.54 17.93
N GLY A 23 4.15 19.55 16.62
CA GLY A 23 3.14 19.99 15.66
C GLY A 23 1.93 19.09 15.53
N LYS A 24 1.97 17.93 16.19
CA LYS A 24 0.85 17.00 16.12
C LYS A 24 0.12 16.89 17.46
N LEU A 25 0.58 17.62 18.47
CA LEU A 25 -0.04 17.55 19.78
C LEU A 25 -1.44 18.14 19.84
N GLY A 26 -1.84 18.81 18.76
CA GLY A 26 -3.17 19.39 18.70
C GLY A 26 -4.11 18.45 17.96
N ASP A 27 -3.57 17.31 17.53
CA ASP A 27 -4.34 16.29 16.81
C ASP A 27 -4.86 15.27 17.81
N SER A 28 -6.15 15.32 18.12
CA SER A 28 -6.74 14.39 19.08
C SER A 28 -6.51 12.91 18.79
N ALA A 29 -6.62 12.52 17.53
CA ALA A 29 -6.42 11.11 17.16
C ALA A 29 -4.99 10.69 17.51
N TYR A 30 -4.05 11.58 17.21
CA TYR A 30 -2.63 11.37 17.48
C TYR A 30 -2.34 11.23 18.96
N THR A 31 -2.76 12.23 19.75
CA THR A 31 -2.51 12.19 21.19
C THR A 31 -3.25 11.07 21.91
N THR A 32 -4.43 10.68 21.41
CA THR A 32 -5.17 9.61 22.05
C THR A 32 -4.35 8.32 22.00
N ILE A 33 -3.76 8.03 20.85
CA ILE A 33 -2.94 6.84 20.69
C ILE A 33 -1.63 6.98 21.46
N ALA A 34 -0.95 8.11 21.28
CA ALA A 34 0.34 8.34 21.94
C ALA A 34 0.31 8.30 23.47
N SER A 35 -0.69 8.94 24.09
CA SER A 35 -0.74 8.94 25.55
C SER A 35 -1.11 7.58 26.10
N ARG A 36 -1.92 6.83 25.35
CA ARG A 36 -2.36 5.50 25.77
C ARG A 36 -1.31 4.38 25.67
N GLU A 37 -0.59 4.36 24.57
CA GLU A 37 0.38 3.30 24.29
C GLU A 37 1.83 3.41 24.73
N PHE A 38 2.33 4.62 24.94
CA PHE A 38 3.74 4.78 25.29
C PHE A 38 4.03 5.39 26.65
N ASN A 39 5.11 4.92 27.29
CA ASN A 39 5.51 5.49 28.57
C ASN A 39 6.89 6.11 28.51
N MET A 40 7.35 6.38 27.29
CA MET A 40 8.65 7.02 27.06
C MET A 40 8.49 7.90 25.81
N VAL A 41 9.04 9.11 25.88
CA VAL A 41 8.93 10.04 24.77
C VAL A 41 10.27 10.65 24.36
N THR A 42 10.46 10.79 23.06
CA THR A 42 11.65 11.43 22.49
C THR A 42 11.10 12.53 21.58
N ALA A 43 11.62 13.75 21.70
CA ALA A 43 11.17 14.83 20.83
C ALA A 43 11.78 14.51 19.47
N GLU A 44 10.96 14.44 18.43
CA GLU A 44 11.47 14.10 17.11
C GLU A 44 12.49 15.10 16.56
N ASN A 45 12.28 16.39 16.84
CA ASN A 45 13.18 17.44 16.37
C ASN A 45 13.36 18.62 17.34
N GLU A 46 12.40 18.78 18.24
CA GLU A 46 12.39 19.90 19.18
C GLU A 46 13.53 20.10 20.16
N MET A 47 14.39 19.10 20.34
CA MET A 47 15.51 19.24 21.25
C MET A 47 16.86 19.18 20.55
N LYS A 48 16.83 19.27 19.24
CA LYS A 48 18.07 19.24 18.45
C LYS A 48 18.75 20.60 18.53
N ILE A 49 19.98 20.69 18.03
CA ILE A 49 20.74 21.93 18.11
C ILE A 49 20.07 23.15 17.48
N ASP A 50 19.65 23.04 16.23
CA ASP A 50 19.00 24.16 15.55
C ASP A 50 17.71 24.60 16.25
N ALA A 51 16.99 23.63 16.81
CA ALA A 51 15.74 23.93 17.50
C ALA A 51 15.97 24.62 18.85
N THR A 52 17.03 24.21 19.56
CA THR A 52 17.31 24.75 20.88
C THR A 52 18.25 25.96 20.92
N GLU A 53 19.06 26.13 19.88
CA GLU A 53 19.98 27.27 19.84
C GLU A 53 20.01 27.79 18.40
N PRO A 54 18.90 28.38 17.94
CA PRO A 54 18.76 28.93 16.59
C PRO A 54 19.85 29.93 16.21
N GLN A 55 20.26 30.76 17.17
CA GLN A 55 21.32 31.73 16.96
C GLN A 55 22.36 31.45 18.04
N ARG A 56 23.64 31.56 17.68
CA ARG A 56 24.72 31.31 18.63
C ARG A 56 24.47 32.04 19.94
N GLY A 57 24.41 31.30 21.03
CA GLY A 57 24.17 31.89 22.33
C GLY A 57 22.72 32.19 22.65
N GLN A 58 21.84 32.03 21.67
CA GLN A 58 20.42 32.29 21.86
C GLN A 58 19.62 30.99 21.96
N PHE A 59 19.35 30.56 23.19
CA PHE A 59 18.60 29.33 23.42
C PHE A 59 17.09 29.54 23.39
N ASN A 60 16.38 28.54 22.87
CA ASN A 60 14.91 28.60 22.79
C ASN A 60 14.37 27.21 23.09
N PHE A 61 13.57 27.10 24.13
CA PHE A 61 13.02 25.81 24.55
C PHE A 61 11.50 25.74 24.44
N SER A 62 10.91 26.60 23.62
CA SER A 62 9.47 26.61 23.47
C SER A 62 8.93 25.27 22.95
N ALA A 63 9.47 24.81 21.84
CA ALA A 63 9.02 23.53 21.26
C ALA A 63 9.45 22.34 22.13
N GLY A 64 10.70 22.38 22.59
CA GLY A 64 11.22 21.31 23.42
C GLY A 64 10.43 21.13 24.70
N ASP A 65 10.11 22.24 25.37
CA ASP A 65 9.35 22.18 26.61
C ASP A 65 7.92 21.72 26.39
N ARG A 66 7.37 22.00 25.22
CA ARG A 66 5.99 21.57 24.95
C ARG A 66 5.95 20.04 24.89
N VAL A 67 6.95 19.46 24.25
CA VAL A 67 7.03 18.00 24.15
C VAL A 67 7.35 17.40 25.52
N TYR A 68 8.33 18.00 26.19
CA TYR A 68 8.72 17.53 27.52
C TYR A 68 7.54 17.58 28.50
N ASN A 69 6.82 18.70 28.52
CA ASN A 69 5.68 18.83 29.43
C ASN A 69 4.57 17.86 29.09
N TRP A 70 4.30 17.68 27.80
CA TRP A 70 3.25 16.74 27.40
C TRP A 70 3.62 15.35 27.90
N ALA A 71 4.89 14.98 27.72
CA ALA A 71 5.36 13.67 28.14
C ALA A 71 5.17 13.44 29.64
N VAL A 72 5.74 14.31 30.46
CA VAL A 72 5.63 14.17 31.91
C VAL A 72 4.19 14.25 32.41
N GLN A 73 3.41 15.19 31.90
CA GLN A 73 2.02 15.34 32.33
C GLN A 73 1.19 14.11 31.97
N ASN A 74 1.63 13.35 30.98
CA ASN A 74 0.91 12.15 30.55
C ASN A 74 1.57 10.85 31.03
N GLY A 75 2.49 10.98 31.98
CA GLY A 75 3.16 9.82 32.54
C GLY A 75 4.28 9.16 31.77
N LYS A 76 5.02 9.92 30.97
CA LYS A 76 6.11 9.32 30.21
C LYS A 76 7.45 9.92 30.58
N GLN A 77 8.49 9.08 30.58
CA GLN A 77 9.83 9.58 30.85
C GLN A 77 10.24 10.20 29.52
N VAL A 78 11.40 10.85 29.48
CA VAL A 78 11.88 11.49 28.26
C VAL A 78 13.33 11.18 27.94
N ARG A 79 13.62 11.01 26.66
CA ARG A 79 14.98 10.76 26.18
C ARG A 79 15.32 12.07 25.46
N GLY A 80 16.41 12.71 25.85
CA GLY A 80 16.83 13.95 25.20
C GLY A 80 17.52 13.62 23.89
N HIS A 81 17.21 14.36 22.84
CA HIS A 81 17.73 14.08 21.50
C HIS A 81 17.84 15.36 20.66
N THR A 82 19.03 15.82 20.27
CA THR A 82 20.35 15.23 20.55
C THR A 82 21.27 16.44 20.84
N LEU A 83 22.22 16.26 21.75
CA LEU A 83 23.11 17.37 22.12
C LEU A 83 24.22 17.78 21.16
N ALA A 84 24.88 16.82 20.51
CA ALA A 84 25.96 17.17 19.59
C ALA A 84 26.15 16.20 18.43
N TRP A 85 25.97 16.70 17.22
CA TRP A 85 26.13 15.89 16.02
C TRP A 85 26.24 16.77 14.77
N HIS A 86 26.57 16.16 13.64
CA HIS A 86 26.76 16.89 12.37
C HIS A 86 25.49 17.30 11.64
N SER A 87 24.42 16.53 11.82
CA SER A 87 23.16 16.81 11.13
C SER A 87 22.28 17.86 11.79
N GLN A 88 21.49 18.55 10.96
CA GLN A 88 20.56 19.57 11.42
C GLN A 88 21.20 20.63 12.30
N GLN A 89 22.45 20.97 12.01
CA GLN A 89 23.14 22.00 12.79
C GLN A 89 22.66 23.35 12.28
N PRO A 90 22.50 24.33 13.17
CA PRO A 90 22.05 25.64 12.69
C PRO A 90 23.08 26.22 11.72
N GLY A 91 22.64 27.14 10.88
CA GLY A 91 23.54 27.74 9.91
C GLY A 91 24.86 28.22 10.49
N TRP A 92 24.79 28.95 11.60
CA TRP A 92 25.98 29.48 12.24
C TRP A 92 26.99 28.44 12.69
N MET A 93 26.51 27.29 13.14
CA MET A 93 27.40 26.24 13.61
C MET A 93 28.09 25.50 12.47
N GLN A 94 27.40 25.38 11.34
CA GLN A 94 27.94 24.68 10.19
C GLN A 94 29.17 25.39 9.63
N SER A 95 29.24 26.70 9.84
CA SER A 95 30.36 27.50 9.34
C SER A 95 31.51 27.60 10.34
N LEU A 96 31.32 27.08 11.55
CA LEU A 96 32.36 27.13 12.56
C LEU A 96 33.39 26.03 12.36
N SER A 97 34.56 26.20 12.98
CA SER A 97 35.63 25.22 12.87
C SER A 97 36.59 25.30 14.05
N GLY A 98 37.51 24.33 14.12
CA GLY A 98 38.50 24.30 15.18
C GLY A 98 38.04 24.58 16.60
N SER A 99 38.91 25.24 17.35
CA SER A 99 38.65 25.58 18.75
C SER A 99 37.33 26.29 19.01
N THR A 100 36.97 27.23 18.15
CA THR A 100 35.72 27.95 18.33
C THR A 100 34.51 27.01 18.20
N LEU A 101 34.61 26.06 17.29
CA LEU A 101 33.54 25.08 17.10
C LEU A 101 33.47 24.16 18.30
N ARG A 102 34.63 23.77 18.81
CA ARG A 102 34.71 22.89 19.97
C ARG A 102 34.08 23.56 21.19
N GLN A 103 34.30 24.86 21.33
CA GLN A 103 33.75 25.62 22.45
C GLN A 103 32.24 25.80 22.28
N ALA A 104 31.81 25.98 21.03
CA ALA A 104 30.39 26.17 20.74
C ALA A 104 29.65 24.89 21.14
N MET A 105 30.24 23.75 20.82
CA MET A 105 29.65 22.45 21.14
C MET A 105 29.46 22.35 22.66
N ILE A 106 30.50 22.70 23.40
CA ILE A 106 30.47 22.65 24.85
C ILE A 106 29.42 23.59 25.44
N ASP A 107 29.35 24.82 24.91
CA ASP A 107 28.38 25.78 25.39
C ASP A 107 26.95 25.29 25.14
N HIS A 108 26.74 24.67 23.99
CA HIS A 108 25.42 24.15 23.65
C HIS A 108 24.99 23.08 24.65
N ILE A 109 25.90 22.14 24.92
CA ILE A 109 25.62 21.06 25.85
C ILE A 109 25.24 21.61 27.22
N ASN A 110 26.01 22.56 27.73
CA ASN A 110 25.74 23.14 29.03
C ASN A 110 24.42 23.89 29.06
N GLY A 111 24.10 24.58 27.96
CA GLY A 111 22.87 25.32 27.90
C GLY A 111 21.62 24.44 27.90
N VAL A 112 21.62 23.43 27.03
CA VAL A 112 20.47 22.53 26.94
C VAL A 112 20.29 21.65 28.16
N MET A 113 21.34 20.94 28.56
CA MET A 113 21.24 20.07 29.73
C MET A 113 20.92 20.88 30.98
N GLY A 114 21.46 22.09 31.06
CA GLY A 114 21.19 22.93 32.22
C GLY A 114 19.70 23.23 32.34
N HIS A 115 19.07 23.46 31.19
CA HIS A 115 17.64 23.77 31.17
C HIS A 115 16.78 22.59 31.63
N TYR A 116 17.20 21.38 31.25
CA TYR A 116 16.47 20.17 31.61
C TYR A 116 17.15 19.36 32.70
N LYS A 117 18.08 19.97 33.42
CA LYS A 117 18.81 19.26 34.47
C LYS A 117 17.97 18.43 35.42
N GLY A 118 18.31 17.14 35.54
CA GLY A 118 17.62 16.24 36.42
C GLY A 118 16.23 15.77 36.01
N LYS A 119 15.80 16.14 34.81
CA LYS A 119 14.46 15.75 34.35
C LYS A 119 14.47 14.79 33.17
N ILE A 120 15.65 14.47 32.67
CA ILE A 120 15.80 13.59 31.51
C ILE A 120 16.40 12.22 31.89
N ALA A 121 15.71 11.15 31.49
CA ALA A 121 16.18 9.80 31.79
C ALA A 121 17.46 9.45 31.02
N GLN A 122 17.47 9.76 29.73
CA GLN A 122 18.62 9.47 28.87
C GLN A 122 18.84 10.62 27.90
N TRP A 123 20.10 10.89 27.59
CA TRP A 123 20.45 11.92 26.62
C TRP A 123 21.29 11.31 25.51
N ASP A 124 20.89 11.54 24.26
CA ASP A 124 21.71 11.10 23.14
C ASP A 124 22.71 12.25 23.06
N VAL A 125 23.86 12.10 23.71
CA VAL A 125 24.87 13.15 23.73
C VAL A 125 25.48 13.38 22.35
N VAL A 126 25.89 12.29 21.70
CA VAL A 126 26.48 12.36 20.38
C VAL A 126 25.78 11.34 19.49
N SER A 127 25.60 11.70 18.23
CA SER A 127 24.92 10.81 17.29
C SER A 127 25.58 10.88 15.91
N HIS A 128 25.40 9.83 15.12
CA HIS A 128 25.93 9.75 13.76
C HIS A 128 27.40 10.17 13.64
N ALA A 129 28.27 9.64 14.49
CA ALA A 129 29.68 10.02 14.43
C ALA A 129 30.55 9.12 13.57
N PHE A 130 30.00 8.01 13.09
CA PHE A 130 30.77 7.09 12.26
C PHE A 130 30.31 7.05 10.81
N SER A 131 31.23 6.69 9.93
CA SER A 131 30.96 6.62 8.49
C SER A 131 30.26 5.33 8.06
N ASP A 132 29.70 5.36 6.85
CA ASP A 132 29.00 4.22 6.29
C ASP A 132 29.77 3.68 5.09
N ASP A 133 30.96 4.22 4.85
CA ASP A 133 31.77 3.79 3.71
C ASP A 133 32.34 2.38 3.86
N GLY A 134 32.18 1.79 5.05
CA GLY A 134 32.67 0.45 5.28
C GLY A 134 34.04 0.39 5.93
N SER A 135 34.59 1.55 6.28
CA SER A 135 35.90 1.62 6.90
C SER A 135 35.83 1.42 8.41
N GLY A 136 34.69 1.78 8.99
CA GLY A 136 34.52 1.63 10.43
C GLY A 136 35.11 2.82 11.16
N GLY A 137 35.45 3.87 10.41
CA GLY A 137 36.03 5.05 11.03
C GLY A 137 35.03 6.18 11.21
N ARG A 138 35.49 7.29 11.78
CA ARG A 138 34.65 8.46 12.01
C ARG A 138 34.27 9.09 10.67
N ARG A 139 33.09 9.69 10.61
CA ARG A 139 32.68 10.34 9.37
C ARG A 139 33.25 11.74 9.35
N ASP A 140 33.60 12.23 8.17
CA ASP A 140 34.16 13.57 8.04
C ASP A 140 33.10 14.62 8.32
N SER A 141 33.33 15.43 9.35
CA SER A 141 32.40 16.49 9.72
C SER A 141 33.17 17.63 10.37
N ASN A 142 32.51 18.77 10.56
CA ASN A 142 33.16 19.92 11.18
C ASN A 142 33.57 19.56 12.60
N LEU A 143 32.73 18.79 13.28
CA LEU A 143 33.01 18.37 14.65
C LEU A 143 34.22 17.44 14.73
N GLN A 144 34.29 16.50 13.79
CA GLN A 144 35.39 15.54 13.74
C GLN A 144 36.71 16.20 13.38
N ARG A 145 36.65 17.25 12.58
CA ARG A 145 37.87 17.95 12.17
C ARG A 145 38.45 18.88 13.23
N THR A 146 37.81 18.90 14.40
CA THR A 146 38.30 19.73 15.50
C THR A 146 39.14 18.87 16.43
N GLY A 147 39.14 17.57 16.19
CA GLY A 147 39.90 16.63 17.01
C GLY A 147 39.12 15.36 17.24
N ASN A 148 39.80 14.22 17.15
CA ASN A 148 39.16 12.93 17.33
C ASN A 148 38.59 12.76 18.74
N ASP A 149 39.00 13.63 19.66
CA ASP A 149 38.55 13.57 21.04
C ASP A 149 37.26 14.37 21.31
N TRP A 150 36.65 14.91 20.27
CA TRP A 150 35.44 15.71 20.46
C TRP A 150 34.31 14.92 21.12
N ILE A 151 34.19 13.64 20.77
CA ILE A 151 33.15 12.80 21.35
C ILE A 151 33.38 12.64 22.85
N GLU A 152 34.60 12.29 23.22
CA GLU A 152 34.96 12.11 24.63
C GLU A 152 34.68 13.39 25.41
N VAL A 153 35.03 14.53 24.82
CA VAL A 153 34.81 15.82 25.47
C VAL A 153 33.33 16.08 25.68
N ALA A 154 32.52 15.72 24.68
CA ALA A 154 31.08 15.92 24.76
C ALA A 154 30.49 15.16 25.96
N PHE A 155 30.92 13.92 26.14
CA PHE A 155 30.41 13.11 27.25
C PHE A 155 30.89 13.63 28.59
N ARG A 156 32.16 13.99 28.69
CA ARG A 156 32.68 14.52 29.94
C ARG A 156 31.93 15.80 30.29
N THR A 157 31.66 16.61 29.26
CA THR A 157 30.93 17.87 29.46
C THR A 157 29.52 17.56 29.97
N ALA A 158 28.85 16.62 29.29
CA ALA A 158 27.50 16.22 29.64
C ALA A 158 27.38 15.70 31.06
N ARG A 159 28.30 14.83 31.46
CA ARG A 159 28.29 14.27 32.80
C ARG A 159 28.29 15.38 33.86
N ALA A 160 29.15 16.38 33.65
CA ALA A 160 29.25 17.48 34.60
C ALA A 160 27.97 18.32 34.61
N ALA A 161 27.43 18.59 33.43
CA ALA A 161 26.21 19.38 33.30
C ALA A 161 25.00 18.77 34.01
N ASP A 162 24.84 17.46 33.90
CA ASP A 162 23.73 16.76 34.56
C ASP A 162 24.09 15.31 34.88
N PRO A 163 24.61 15.07 36.10
CA PRO A 163 25.01 13.74 36.55
C PRO A 163 23.84 12.74 36.69
N ALA A 164 22.61 13.23 36.67
CA ALA A 164 21.45 12.37 36.83
C ALA A 164 20.97 11.69 35.55
N ALA A 165 21.44 12.17 34.40
CA ALA A 165 21.00 11.59 33.14
C ALA A 165 21.95 10.52 32.63
N LYS A 166 21.39 9.48 32.02
CA LYS A 166 22.21 8.43 31.44
C LYS A 166 22.68 8.99 30.11
N LEU A 167 23.98 8.91 29.85
CA LEU A 167 24.55 9.45 28.63
C LEU A 167 24.75 8.38 27.56
N CYS A 168 24.09 8.55 26.42
CA CYS A 168 24.17 7.57 25.34
C CYS A 168 24.83 8.06 24.07
N TYR A 169 25.43 7.13 23.35
CA TYR A 169 26.01 7.40 22.04
C TYR A 169 24.96 6.72 21.15
N ASN A 170 24.43 7.45 20.19
CA ASN A 170 23.38 6.92 19.32
C ASN A 170 23.80 6.91 17.85
N ASP A 171 23.46 5.84 17.13
CA ASP A 171 23.82 5.75 15.72
C ASP A 171 22.98 4.69 15.00
N TYR A 172 23.03 4.70 13.67
CA TYR A 172 22.29 3.73 12.86
C TYR A 172 23.28 2.84 12.11
N ASN A 173 22.77 1.74 11.57
CA ASN A 173 23.60 0.77 10.85
C ASN A 173 24.70 0.20 11.73
N ILE A 174 24.42 0.08 13.02
CA ILE A 174 25.37 -0.50 13.97
C ILE A 174 24.66 -1.65 14.67
N GLU A 175 23.62 -2.16 14.03
CA GLU A 175 22.84 -3.27 14.59
C GLU A 175 23.42 -4.64 14.22
N ASN A 176 23.90 -4.75 12.98
CA ASN A 176 24.48 -6.00 12.52
C ASN A 176 25.92 -6.11 13.02
N TRP A 177 26.19 -7.14 13.82
CA TRP A 177 27.51 -7.32 14.39
C TRP A 177 28.66 -7.47 13.39
N THR A 178 28.36 -8.00 12.21
CA THR A 178 29.40 -8.20 11.19
C THR A 178 29.83 -6.93 10.45
N TRP A 179 29.04 -5.87 10.58
CA TRP A 179 29.36 -4.61 9.91
C TRP A 179 30.52 -3.86 10.56
N ALA A 180 31.34 -3.22 9.71
CA ALA A 180 32.49 -2.46 10.16
C ALA A 180 32.10 -1.28 11.04
N LYS A 181 30.98 -0.63 10.71
CA LYS A 181 30.53 0.52 11.48
C LYS A 181 30.20 0.09 12.91
N THR A 182 29.59 -1.07 13.06
CA THR A 182 29.23 -1.58 14.37
C THR A 182 30.50 -1.80 15.20
N GLN A 183 31.52 -2.36 14.57
CA GLN A 183 32.80 -2.61 15.24
C GLN A 183 33.50 -1.32 15.63
N GLY A 184 33.39 -0.31 14.78
CA GLY A 184 34.02 0.97 15.08
C GLY A 184 33.43 1.52 16.36
N VAL A 185 32.11 1.51 16.46
CA VAL A 185 31.44 2.02 17.65
C VAL A 185 31.79 1.16 18.85
N TYR A 186 31.77 -0.16 18.66
CA TYR A 186 32.10 -1.09 19.74
C TYR A 186 33.48 -0.76 20.32
N ASN A 187 34.48 -0.65 19.44
CA ASN A 187 35.83 -0.35 19.90
C ASN A 187 35.90 0.96 20.67
N MET A 188 35.19 1.97 20.21
CA MET A 188 35.19 3.27 20.88
C MET A 188 34.59 3.18 22.28
N VAL A 189 33.44 2.55 22.40
CA VAL A 189 32.79 2.42 23.70
C VAL A 189 33.65 1.61 24.65
N ARG A 190 34.26 0.54 24.15
CA ARG A 190 35.13 -0.28 24.99
C ARG A 190 36.28 0.59 25.47
N ASP A 191 36.86 1.36 24.56
CA ASP A 191 37.97 2.25 24.91
C ASP A 191 37.52 3.21 26.01
N PHE A 192 36.36 3.83 25.81
CA PHE A 192 35.81 4.77 26.78
C PHE A 192 35.66 4.16 28.17
N LYS A 193 35.09 2.96 28.24
CA LYS A 193 34.89 2.29 29.52
C LYS A 193 36.22 1.98 30.19
N GLN A 194 37.20 1.57 29.39
CA GLN A 194 38.52 1.23 29.91
C GLN A 194 39.22 2.46 30.46
N ARG A 195 39.08 3.59 29.77
CA ARG A 195 39.72 4.83 30.19
C ARG A 195 38.88 5.67 31.15
N GLY A 196 37.67 5.22 31.44
CA GLY A 196 36.82 5.95 32.37
C GLY A 196 35.99 7.08 31.77
N VAL A 197 35.94 7.16 30.44
CA VAL A 197 35.14 8.20 29.80
C VAL A 197 33.69 7.94 30.19
N PRO A 198 33.01 8.96 30.74
CA PRO A 198 31.61 8.83 31.16
C PRO A 198 30.55 8.57 30.08
N ILE A 199 30.25 7.30 29.86
CA ILE A 199 29.22 6.91 28.90
C ILE A 199 28.43 5.79 29.58
N ASP A 200 27.11 5.93 29.58
CA ASP A 200 26.23 4.96 30.26
C ASP A 200 25.40 4.07 29.35
N CYS A 201 25.24 4.47 28.09
CA CYS A 201 24.40 3.71 27.18
C CYS A 201 24.76 3.88 25.72
N VAL A 202 24.31 2.92 24.92
CA VAL A 202 24.53 2.97 23.48
C VAL A 202 23.15 2.81 22.86
N GLY A 203 22.78 3.76 22.01
CA GLY A 203 21.49 3.70 21.37
C GLY A 203 21.57 3.17 19.96
N PHE A 204 20.73 2.19 19.64
CA PHE A 204 20.69 1.61 18.32
C PHE A 204 19.42 2.10 17.64
N GLN A 205 19.57 2.98 16.67
CA GLN A 205 18.40 3.55 15.99
C GLN A 205 17.45 2.50 15.45
N SER A 206 18.01 1.43 14.91
CA SER A 206 17.20 0.32 14.39
C SER A 206 16.23 0.70 13.26
N HIS A 207 16.74 1.39 12.25
CA HIS A 207 15.93 1.76 11.10
C HIS A 207 16.16 0.64 10.09
N PHE A 208 15.33 -0.39 10.17
CA PHE A 208 15.47 -1.57 9.30
C PHE A 208 14.68 -1.53 8.00
N ASN A 209 15.32 -1.94 6.91
CA ASN A 209 14.69 -2.01 5.59
C ASN A 209 15.50 -2.99 4.73
N SER A 210 15.06 -3.28 3.52
CA SER A 210 15.79 -4.25 2.70
C SER A 210 17.19 -3.80 2.31
N GLY A 211 17.50 -2.53 2.56
CA GLY A 211 18.84 -2.03 2.26
C GLY A 211 19.77 -2.34 3.42
N SER A 212 19.21 -2.33 4.63
CA SER A 212 19.94 -2.64 5.85
C SER A 212 18.94 -3.40 6.71
N PRO A 213 18.72 -4.68 6.38
CA PRO A 213 17.78 -5.55 7.08
C PRO A 213 18.16 -5.98 8.49
N TYR A 214 17.12 -6.28 9.26
CA TYR A 214 17.31 -6.77 10.61
C TYR A 214 17.94 -8.15 10.46
N ASN A 215 18.82 -8.49 11.39
CA ASN A 215 19.45 -9.80 11.39
C ASN A 215 19.43 -10.26 12.84
N SER A 216 19.20 -11.55 13.05
CA SER A 216 19.15 -12.10 14.39
C SER A 216 20.38 -11.75 15.21
N ASN A 217 21.50 -11.46 14.56
CA ASN A 217 22.70 -11.13 15.33
C ASN A 217 22.61 -9.78 16.02
N PHE A 218 21.49 -9.07 15.84
CA PHE A 218 21.31 -7.79 16.51
C PHE A 218 21.33 -8.06 18.01
N ARG A 219 20.77 -9.20 18.42
CA ARG A 219 20.74 -9.55 19.83
C ARG A 219 22.16 -9.72 20.36
N THR A 220 23.02 -10.34 19.54
CA THR A 220 24.40 -10.56 19.90
C THR A 220 25.10 -9.21 20.06
N THR A 221 24.81 -8.28 19.16
CA THR A 221 25.39 -6.95 19.24
C THR A 221 24.99 -6.30 20.56
N LEU A 222 23.69 -6.36 20.89
CA LEU A 222 23.20 -5.79 22.13
C LEU A 222 23.90 -6.42 23.33
N GLN A 223 24.02 -7.74 23.30
CA GLN A 223 24.66 -8.48 24.38
C GLN A 223 26.15 -8.15 24.50
N ASN A 224 26.82 -7.96 23.36
CA ASN A 224 28.25 -7.63 23.38
C ASN A 224 28.47 -6.25 24.00
N PHE A 225 27.60 -5.29 23.66
CA PHE A 225 27.75 -3.96 24.24
C PHE A 225 27.39 -3.98 25.72
N ALA A 226 26.35 -4.71 26.07
CA ALA A 226 25.93 -4.81 27.47
C ALA A 226 27.09 -5.37 28.30
N ALA A 227 27.85 -6.26 27.69
CA ALA A 227 28.99 -6.90 28.37
C ALA A 227 30.11 -5.91 28.66
N LEU A 228 30.10 -4.76 27.99
CA LEU A 228 31.11 -3.73 28.21
C LEU A 228 30.79 -2.92 29.46
N GLY A 229 29.59 -3.11 30.00
CA GLY A 229 29.21 -2.38 31.19
C GLY A 229 28.35 -1.15 30.92
N VAL A 230 27.68 -1.14 29.78
CA VAL A 230 26.80 -0.02 29.44
C VAL A 230 25.40 -0.57 29.17
N ASP A 231 24.39 0.28 29.33
CA ASP A 231 23.03 -0.15 29.05
C ASP A 231 22.87 0.02 27.54
N VAL A 232 21.83 -0.59 26.98
CA VAL A 232 21.56 -0.44 25.55
C VAL A 232 20.11 -0.04 25.38
N ALA A 233 19.81 0.63 24.29
CA ALA A 233 18.45 1.05 24.03
C ALA A 233 18.17 1.04 22.53
N ILE A 234 16.97 0.64 22.16
CA ILE A 234 16.55 0.63 20.75
C ILE A 234 15.84 1.99 20.69
N THR A 235 16.49 2.94 20.02
CA THR A 235 16.01 4.32 19.99
C THR A 235 15.10 4.89 18.92
N GLU A 236 15.13 4.34 17.71
CA GLU A 236 14.31 4.90 16.63
C GLU A 236 13.77 3.81 15.73
N LEU A 237 13.29 2.74 16.34
CA LEU A 237 12.80 1.60 15.59
C LEU A 237 11.65 1.82 14.62
N ASP A 238 11.88 1.36 13.39
CA ASP A 238 10.86 1.33 12.36
C ASP A 238 11.33 0.25 11.40
N ILE A 239 10.39 -0.50 10.86
CA ILE A 239 10.69 -1.61 9.97
C ILE A 239 9.91 -1.51 8.67
N GLN A 240 10.63 -1.42 7.56
CA GLN A 240 10.01 -1.30 6.25
C GLN A 240 9.03 -2.46 6.06
N GLY A 241 7.77 -2.13 5.85
CA GLY A 241 6.75 -3.15 5.65
C GLY A 241 6.12 -3.62 6.95
N ALA A 242 6.73 -3.22 8.07
CA ALA A 242 6.24 -3.57 9.40
C ALA A 242 5.96 -5.06 9.59
N SER A 243 6.89 -5.90 9.17
CA SER A 243 6.72 -7.35 9.33
C SER A 243 6.45 -7.70 10.78
N SER A 244 5.38 -8.45 11.01
CA SER A 244 5.03 -8.86 12.36
C SER A 244 6.15 -9.67 13.00
N SER A 245 6.72 -10.61 12.25
CA SER A 245 7.81 -11.44 12.77
C SER A 245 9.04 -10.63 13.14
N THR A 246 9.39 -9.68 12.28
CA THR A 246 10.55 -8.84 12.54
C THR A 246 10.32 -7.95 13.75
N TYR A 247 9.14 -7.36 13.85
CA TYR A 247 8.84 -6.51 15.00
C TYR A 247 8.89 -7.32 16.28
N ALA A 248 8.36 -8.55 16.24
CA ALA A 248 8.39 -9.40 17.42
C ALA A 248 9.82 -9.82 17.73
N ALA A 249 10.61 -10.07 16.69
CA ALA A 249 12.00 -10.49 16.88
C ALA A 249 12.81 -9.41 17.60
N VAL A 250 12.66 -8.16 17.16
CA VAL A 250 13.37 -7.05 17.78
C VAL A 250 12.92 -6.87 19.22
N THR A 251 11.62 -7.02 19.45
CA THR A 251 11.07 -6.89 20.79
C THR A 251 11.68 -7.94 21.71
N ASN A 252 11.76 -9.18 21.21
CA ASN A 252 12.33 -10.25 22.02
C ASN A 252 13.84 -10.08 22.22
N ASP A 253 14.50 -9.38 21.31
CA ASP A 253 15.93 -9.17 21.48
C ASP A 253 16.17 -8.28 22.69
N CYS A 254 15.34 -7.24 22.85
CA CYS A 254 15.50 -6.34 23.99
C CYS A 254 15.17 -7.10 25.29
N LEU A 255 14.10 -7.89 25.26
CA LEU A 255 13.69 -8.67 26.42
C LEU A 255 14.77 -9.69 26.82
N ALA A 256 15.59 -10.10 25.85
CA ALA A 256 16.63 -11.09 26.11
C ALA A 256 17.91 -10.48 26.70
N VAL A 257 17.95 -9.15 26.77
CA VAL A 257 19.12 -8.45 27.30
C VAL A 257 18.73 -7.68 28.55
N SER A 258 19.19 -8.13 29.71
CA SER A 258 18.84 -7.48 30.97
C SER A 258 19.13 -5.98 30.97
N ARG A 259 20.19 -5.57 30.27
CA ARG A 259 20.59 -4.18 30.18
C ARG A 259 19.85 -3.36 29.12
N CYS A 260 18.94 -3.98 28.37
CA CYS A 260 18.19 -3.22 27.36
C CYS A 260 17.08 -2.49 28.11
N LEU A 261 17.21 -1.17 28.19
CA LEU A 261 16.26 -0.34 28.93
C LEU A 261 14.86 -0.27 28.34
N GLY A 262 14.78 -0.37 27.02
CA GLY A 262 13.48 -0.29 26.39
C GLY A 262 13.57 -0.08 24.89
N ILE A 263 12.40 0.05 24.26
CA ILE A 263 12.32 0.24 22.83
C ILE A 263 11.45 1.44 22.48
N THR A 264 11.94 2.26 21.55
CA THR A 264 11.20 3.43 21.09
C THR A 264 10.99 3.26 19.60
N VAL A 265 9.75 3.38 19.12
CA VAL A 265 9.50 3.30 17.68
C VAL A 265 9.49 4.74 17.19
N TRP A 266 10.03 4.98 16.00
CA TRP A 266 10.14 6.35 15.51
C TRP A 266 8.87 6.95 14.92
N GLY A 267 7.86 7.14 15.77
CA GLY A 267 6.62 7.71 15.30
C GLY A 267 5.40 6.96 15.80
N VAL A 268 4.23 7.57 15.69
CA VAL A 268 3.00 6.95 16.14
C VAL A 268 2.29 6.21 15.02
N ARG A 269 1.81 6.95 14.01
CA ARG A 269 1.13 6.33 12.88
C ARG A 269 2.03 6.40 11.65
N ASP A 270 1.82 5.51 10.68
CA ASP A 270 2.64 5.53 9.48
C ASP A 270 2.64 6.91 8.81
N THR A 271 1.51 7.60 8.87
CA THR A 271 1.39 8.93 8.28
C THR A 271 2.24 9.97 9.02
N ASP A 272 2.71 9.62 10.21
CA ASP A 272 3.54 10.52 11.02
C ASP A 272 5.02 10.20 10.82
N SER A 273 5.29 9.11 10.10
CA SER A 273 6.65 8.65 9.87
C SER A 273 7.49 9.49 8.90
N TRP A 274 8.78 9.58 9.19
CA TRP A 274 9.70 10.31 8.32
C TRP A 274 9.88 9.47 7.06
N ARG A 275 9.43 8.22 7.11
CA ARG A 275 9.50 7.31 5.97
C ARG A 275 8.16 6.61 5.79
N SER A 276 7.11 7.41 5.66
CA SER A 276 5.76 6.88 5.48
C SER A 276 5.62 5.90 4.32
N GLY A 277 6.41 6.11 3.27
CA GLY A 277 6.36 5.22 2.12
C GLY A 277 6.69 3.79 2.46
N ASP A 278 7.43 3.60 3.55
CA ASP A 278 7.81 2.26 3.99
C ASP A 278 6.85 1.67 5.03
N THR A 279 5.71 2.35 5.27
CA THR A 279 4.70 1.94 6.25
C THR A 279 5.39 1.09 7.31
N PRO A 280 6.38 1.68 8.00
CA PRO A 280 7.20 1.07 9.03
C PRO A 280 6.80 1.09 10.51
N LEU A 281 5.67 1.69 10.86
CA LEU A 281 5.27 1.76 12.26
C LEU A 281 4.18 0.78 12.67
N LEU A 282 3.68 0.92 13.89
CA LEU A 282 2.67 0.00 14.45
C LEU A 282 1.20 0.37 14.29
N PHE A 283 0.93 1.61 13.90
CA PHE A 283 -0.45 2.05 13.69
C PHE A 283 -0.61 2.60 12.28
N ASN A 284 -1.80 2.40 11.71
CA ASN A 284 -2.10 2.90 10.37
C ASN A 284 -2.50 4.37 10.48
N GLY A 285 -2.57 5.04 9.35
CA GLY A 285 -2.96 6.44 9.34
C GLY A 285 -4.32 6.68 9.97
N ASP A 286 -5.24 5.75 9.79
CA ASP A 286 -6.57 5.91 10.37
C ASP A 286 -6.58 5.55 11.85
N GLY A 287 -5.40 5.25 12.39
CA GLY A 287 -5.27 4.93 13.79
C GLY A 287 -5.47 3.48 14.18
N SER A 288 -5.74 2.62 13.22
CA SER A 288 -5.96 1.21 13.52
C SER A 288 -4.66 0.47 13.82
N LYS A 289 -4.72 -0.46 14.76
CA LYS A 289 -3.55 -1.25 15.13
C LYS A 289 -3.23 -2.21 13.98
N LYS A 290 -1.95 -2.28 13.63
CA LYS A 290 -1.53 -3.18 12.55
C LYS A 290 -1.24 -4.57 13.13
N ALA A 291 -1.12 -5.56 12.27
CA ALA A 291 -0.82 -6.91 12.73
C ALA A 291 0.45 -6.90 13.59
N ALA A 292 1.39 -6.03 13.21
CA ALA A 292 2.65 -5.94 13.94
C ALA A 292 2.45 -5.46 15.38
N TYR A 293 1.42 -4.64 15.61
CA TYR A 293 1.15 -4.16 16.95
C TYR A 293 0.85 -5.32 17.89
N THR A 294 -0.01 -6.23 17.43
CA THR A 294 -0.38 -7.38 18.24
C THR A 294 0.81 -8.30 18.48
N ALA A 295 1.66 -8.44 17.48
CA ALA A 295 2.85 -9.28 17.59
C ALA A 295 3.78 -8.72 18.66
N VAL A 296 3.94 -7.40 18.68
CA VAL A 296 4.80 -6.75 19.67
C VAL A 296 4.19 -6.88 21.07
N LEU A 297 2.89 -6.60 21.18
CA LEU A 297 2.22 -6.68 22.47
C LEU A 297 2.33 -8.11 23.02
N ASN A 298 2.14 -9.10 22.15
CA ASN A 298 2.23 -10.49 22.57
C ASN A 298 3.62 -10.80 23.11
N ALA A 299 4.64 -10.32 22.41
CA ALA A 299 6.02 -10.56 22.83
C ALA A 299 6.29 -9.93 24.20
N LEU A 300 5.84 -8.69 24.36
CA LEU A 300 6.04 -7.99 25.63
C LEU A 300 5.31 -8.68 26.77
N ASN A 301 4.19 -9.33 26.47
CA ASN A 301 3.43 -10.04 27.50
C ASN A 301 3.98 -11.44 27.74
N GLY A 302 5.10 -11.76 27.10
CA GLY A 302 5.71 -13.07 27.26
C GLY A 302 5.03 -14.20 26.50
N GLY A 303 4.44 -13.86 25.36
CA GLY A 303 3.77 -14.88 24.56
C GLY A 303 4.72 -15.58 23.61
N GLY A 313 -1.95 -23.95 8.45
CA GLY A 313 -2.65 -24.83 9.36
C GLY A 313 -4.13 -24.53 9.46
N GLN A 314 -4.86 -25.38 10.18
CA GLN A 314 -6.29 -25.19 10.34
C GLN A 314 -6.59 -24.17 11.43
N ILE A 315 -7.72 -23.51 11.30
CA ILE A 315 -8.18 -22.53 12.28
C ILE A 315 -9.52 -23.08 12.74
N LYS A 316 -9.54 -23.59 13.96
CA LYS A 316 -10.74 -24.21 14.52
C LYS A 316 -11.51 -23.34 15.50
N GLY A 317 -12.83 -23.27 15.30
CA GLY A 317 -13.67 -22.49 16.19
C GLY A 317 -13.90 -23.23 17.49
N VAL A 318 -13.76 -22.52 18.60
CA VAL A 318 -13.92 -23.10 19.92
C VAL A 318 -15.34 -23.56 20.20
N GLY A 319 -16.31 -22.70 19.91
CA GLY A 319 -17.71 -23.05 20.16
C GLY A 319 -18.27 -24.18 19.31
N SER A 320 -17.82 -24.25 18.06
CA SER A 320 -18.30 -25.27 17.12
C SER A 320 -17.43 -26.51 17.00
N GLY A 321 -16.13 -26.33 17.21
CA GLY A 321 -15.23 -27.45 17.07
C GLY A 321 -15.00 -27.73 15.59
N ARG A 322 -15.47 -26.80 14.74
CA ARG A 322 -15.31 -26.94 13.30
C ARG A 322 -14.29 -25.94 12.74
N CYS A 323 -13.76 -26.25 11.57
CA CYS A 323 -12.72 -25.42 10.94
C CYS A 323 -13.15 -24.37 9.92
N LEU A 324 -12.38 -23.29 9.84
CA LEU A 324 -12.61 -22.21 8.88
C LEU A 324 -12.39 -22.90 7.54
N ASP A 325 -13.42 -22.91 6.71
CA ASP A 325 -13.39 -23.64 5.46
C ASP A 325 -13.91 -22.89 4.25
N VAL A 326 -13.26 -23.05 3.10
CA VAL A 326 -13.70 -22.41 1.87
C VAL A 326 -14.59 -23.45 1.18
N PRO A 327 -15.90 -23.17 1.10
CA PRO A 327 -16.88 -24.07 0.48
C PRO A 327 -16.43 -24.78 -0.80
N ASN A 328 -16.52 -26.10 -0.79
CA ASN A 328 -16.17 -26.95 -1.92
C ASN A 328 -14.79 -26.67 -2.51
N ALA A 329 -13.89 -26.14 -1.69
CA ALA A 329 -12.54 -25.84 -2.13
C ALA A 329 -12.53 -24.87 -3.31
N SER A 330 -13.52 -23.99 -3.35
CA SER A 330 -13.63 -23.00 -4.41
C SER A 330 -12.50 -21.98 -4.33
N THR A 331 -12.08 -21.45 -5.46
CA THR A 331 -11.02 -20.45 -5.49
C THR A 331 -11.60 -19.16 -6.06
N THR A 332 -12.92 -19.14 -6.20
CA THR A 332 -13.63 -18.00 -6.75
C THR A 332 -13.68 -16.81 -5.79
N ASP A 333 -13.27 -15.64 -6.28
CA ASP A 333 -13.29 -14.43 -5.47
C ASP A 333 -14.72 -14.14 -5.05
N GLY A 334 -14.91 -13.78 -3.78
CA GLY A 334 -16.24 -13.49 -3.30
C GLY A 334 -16.94 -14.65 -2.65
N THR A 335 -16.25 -15.79 -2.53
CA THR A 335 -16.85 -16.96 -1.90
C THR A 335 -16.76 -16.79 -0.40
N GLN A 336 -17.92 -16.71 0.26
CA GLN A 336 -17.96 -16.54 1.70
C GLN A 336 -17.50 -17.81 2.41
N VAL A 337 -16.65 -17.64 3.42
CA VAL A 337 -16.13 -18.78 4.16
C VAL A 337 -17.14 -19.31 5.18
N GLN A 338 -16.93 -20.53 5.62
CA GLN A 338 -17.86 -21.18 6.56
C GLN A 338 -17.14 -22.06 7.57
N LEU A 339 -17.92 -22.68 8.43
CA LEU A 339 -17.42 -23.62 9.42
C LEU A 339 -17.67 -24.98 8.80
N TYR A 340 -16.75 -25.92 9.01
CA TYR A 340 -16.94 -27.26 8.46
C TYR A 340 -16.07 -28.28 9.18
N ASP A 341 -16.56 -29.51 9.28
CA ASP A 341 -15.80 -30.58 9.94
C ASP A 341 -14.37 -30.51 9.46
N CYS A 342 -13.43 -30.51 10.41
CA CYS A 342 -12.02 -30.44 10.07
C CYS A 342 -11.52 -31.71 9.42
N HIS A 343 -10.69 -31.54 8.39
CA HIS A 343 -10.09 -32.66 7.69
C HIS A 343 -8.94 -32.16 6.84
N SER A 344 -8.07 -33.08 6.40
CA SER A 344 -6.93 -32.71 5.58
C SER A 344 -7.37 -32.23 4.20
N ALA A 345 -7.35 -30.92 4.02
CA ALA A 345 -7.74 -30.32 2.74
C ALA A 345 -7.13 -28.94 2.63
N THR A 346 -6.72 -28.57 1.41
CA THR A 346 -6.11 -27.27 1.18
C THR A 346 -7.07 -26.13 1.46
N ASN A 347 -8.37 -26.38 1.38
CA ASN A 347 -9.35 -25.32 1.63
C ASN A 347 -9.58 -25.03 3.11
N GLN A 348 -8.79 -25.65 3.97
CA GLN A 348 -8.87 -25.44 5.42
C GLN A 348 -7.49 -25.09 5.95
N GLN A 349 -6.52 -24.96 5.04
CA GLN A 349 -5.15 -24.64 5.42
C GLN A 349 -4.88 -23.15 5.23
N TRP A 350 -4.75 -22.43 6.35
CA TRP A 350 -4.51 -20.99 6.32
C TRP A 350 -3.11 -20.63 6.79
N THR A 351 -2.49 -19.67 6.12
CA THR A 351 -1.16 -19.23 6.48
C THR A 351 -1.19 -17.76 6.90
N TYR A 352 -0.73 -17.50 8.13
CA TYR A 352 -0.70 -16.13 8.63
C TYR A 352 0.64 -15.52 8.22
N THR A 353 0.59 -14.51 7.36
CA THR A 353 1.81 -13.87 6.86
C THR A 353 2.27 -12.70 7.72
N ASP A 354 3.49 -12.25 7.48
CA ASP A 354 4.07 -11.13 8.22
C ASP A 354 3.31 -9.84 7.99
N ALA A 355 2.59 -9.76 6.88
CA ALA A 355 1.81 -8.58 6.56
C ALA A 355 0.45 -8.64 7.26
N GLY A 356 0.18 -9.76 7.92
CA GLY A 356 -1.08 -9.90 8.64
C GLY A 356 -2.21 -10.55 7.88
N GLU A 357 -1.89 -11.17 6.75
CA GLU A 357 -2.91 -11.84 5.95
C GLU A 357 -3.11 -13.27 6.41
N LEU A 358 -4.26 -13.82 6.06
CA LEU A 358 -4.57 -15.21 6.32
C LEU A 358 -4.79 -15.74 4.92
N ARG A 359 -3.73 -16.35 4.38
CA ARG A 359 -3.75 -16.86 3.02
C ARG A 359 -4.17 -18.32 2.88
N VAL A 360 -4.79 -18.61 1.74
CA VAL A 360 -5.24 -19.96 1.43
C VAL A 360 -4.97 -20.17 -0.06
N TYR A 361 -4.60 -21.39 -0.44
CA TYR A 361 -4.28 -21.72 -1.83
C TYR A 361 -3.02 -21.03 -2.30
N GLY A 362 -2.41 -20.25 -1.41
CA GLY A 362 -1.18 -19.55 -1.76
C GLY A 362 -1.35 -18.09 -2.15
N ASP A 363 -2.41 -17.75 -2.87
CA ASP A 363 -2.60 -16.37 -3.28
C ASP A 363 -4.00 -15.80 -3.10
N LYS A 364 -4.82 -16.45 -2.28
CA LYS A 364 -6.16 -15.95 -1.98
C LYS A 364 -6.09 -15.51 -0.52
N CYS A 365 -6.81 -14.43 -0.20
CA CYS A 365 -6.78 -13.88 1.15
C CYS A 365 -8.14 -13.81 1.85
N LEU A 366 -8.15 -14.05 3.16
CA LEU A 366 -9.39 -13.94 3.93
C LEU A 366 -9.68 -12.46 3.76
N ASP A 367 -10.89 -12.15 3.29
CA ASP A 367 -11.25 -10.79 2.95
C ASP A 367 -12.59 -10.34 3.52
N ALA A 368 -12.62 -9.13 4.09
CA ALA A 368 -13.86 -8.58 4.63
C ALA A 368 -14.45 -7.69 3.53
N ALA A 369 -15.71 -7.96 3.17
CA ALA A 369 -16.38 -7.21 2.12
C ALA A 369 -17.01 -5.90 2.59
N GLY A 370 -16.49 -5.36 3.68
CA GLY A 370 -17.01 -4.11 4.22
C GLY A 370 -16.45 -3.88 5.60
N THR A 371 -17.05 -2.96 6.38
CA THR A 371 -16.55 -2.65 7.71
C THR A 371 -17.52 -2.76 8.88
N GLY A 372 -18.81 -2.96 8.62
CA GLY A 372 -19.76 -3.02 9.72
C GLY A 372 -20.22 -4.41 10.13
N ASN A 373 -21.01 -4.48 11.19
CA ASN A 373 -21.53 -5.76 11.66
C ASN A 373 -22.29 -6.45 10.53
N GLY A 374 -22.11 -7.75 10.39
CA GLY A 374 -22.80 -8.49 9.35
C GLY A 374 -22.02 -8.56 8.06
N THR A 375 -20.88 -7.86 8.00
CA THR A 375 -20.05 -7.89 6.80
C THR A 375 -19.61 -9.30 6.48
N LYS A 376 -19.75 -9.68 5.21
CA LYS A 376 -19.37 -11.00 4.74
C LYS A 376 -17.85 -11.18 4.73
N VAL A 377 -17.38 -12.30 5.24
CA VAL A 377 -15.94 -12.61 5.22
C VAL A 377 -15.82 -13.69 4.15
N GLN A 378 -14.94 -13.44 3.18
CA GLN A 378 -14.78 -14.34 2.04
C GLN A 378 -13.32 -14.45 1.65
N ILE A 379 -13.09 -15.07 0.49
CA ILE A 379 -11.73 -15.16 -0.05
C ILE A 379 -11.72 -14.20 -1.24
N TYR A 380 -10.59 -13.55 -1.48
CA TYR A 380 -10.44 -12.62 -2.58
C TYR A 380 -8.96 -12.54 -2.88
N SER A 381 -8.60 -12.21 -4.11
CA SER A 381 -7.20 -12.11 -4.51
C SER A 381 -6.46 -11.21 -3.51
N CYS A 382 -5.29 -11.66 -3.07
CA CYS A 382 -4.50 -10.87 -2.12
C CYS A 382 -3.94 -9.62 -2.80
N TRP A 383 -4.10 -8.46 -2.16
CA TRP A 383 -3.56 -7.23 -2.73
C TRP A 383 -3.01 -6.28 -1.67
N GLY A 384 -3.15 -6.65 -0.40
CA GLY A 384 -2.62 -5.81 0.66
C GLY A 384 -3.56 -4.85 1.36
N GLY A 385 -4.85 -4.90 1.05
CA GLY A 385 -5.80 -4.01 1.69
C GLY A 385 -5.92 -4.31 3.17
N ASP A 386 -6.26 -3.30 3.98
CA ASP A 386 -6.40 -3.51 5.42
C ASP A 386 -7.59 -4.40 5.75
N ASN A 387 -8.48 -4.57 4.78
CA ASN A 387 -9.64 -5.43 4.96
C ASN A 387 -9.23 -6.88 4.70
N GLN A 388 -7.94 -7.07 4.44
CA GLN A 388 -7.39 -8.41 4.22
C GLN A 388 -6.32 -8.68 5.28
N LYS A 389 -6.25 -7.82 6.28
CA LYS A 389 -5.27 -7.97 7.33
C LYS A 389 -5.96 -8.25 8.65
N TRP A 390 -5.36 -9.13 9.43
CA TRP A 390 -5.95 -9.56 10.69
C TRP A 390 -4.98 -9.62 11.86
N ARG A 391 -5.51 -9.42 13.06
CA ARG A 391 -4.71 -9.47 14.26
C ARG A 391 -5.14 -10.71 15.04
N LEU A 392 -4.19 -11.58 15.35
CA LEU A 392 -4.49 -12.80 16.10
C LEU A 392 -4.24 -12.53 17.59
N ASN A 393 -5.31 -12.30 18.33
CA ASN A 393 -5.21 -12.01 19.75
C ASN A 393 -4.98 -13.23 20.62
N SER A 394 -4.38 -13.00 21.78
CA SER A 394 -4.08 -14.07 22.73
C SER A 394 -5.32 -14.75 23.27
N ASP A 395 -6.44 -14.04 23.29
CA ASP A 395 -7.68 -14.62 23.80
C ASP A 395 -8.36 -15.50 22.75
N GLY A 396 -7.74 -15.64 21.58
CA GLY A 396 -8.31 -16.48 20.54
C GLY A 396 -9.14 -15.77 19.50
N SER A 397 -9.42 -14.49 19.71
CA SER A 397 -10.21 -13.75 18.74
C SER A 397 -9.31 -13.34 17.57
N ILE A 398 -9.93 -13.12 16.42
CA ILE A 398 -9.21 -12.69 15.22
C ILE A 398 -9.92 -11.42 14.75
N VAL A 399 -9.22 -10.29 14.89
CA VAL A 399 -9.77 -8.99 14.56
C VAL A 399 -9.31 -8.40 13.24
N GLY A 400 -10.25 -7.88 12.48
CA GLY A 400 -9.92 -7.27 11.21
C GLY A 400 -9.27 -5.92 11.45
N VAL A 401 -8.13 -5.68 10.82
CA VAL A 401 -7.40 -4.42 11.01
C VAL A 401 -8.22 -3.19 10.61
N GLN A 402 -8.78 -3.21 9.39
CA GLN A 402 -9.56 -2.07 8.91
C GLN A 402 -10.84 -1.82 9.69
N SER A 403 -11.56 -2.89 10.02
CA SER A 403 -12.85 -2.79 10.71
C SER A 403 -12.80 -2.76 12.23
N GLY A 404 -11.81 -3.42 12.81
CA GLY A 404 -11.73 -3.48 14.25
C GLY A 404 -12.79 -4.44 14.76
N LEU A 405 -13.35 -5.23 13.85
CA LEU A 405 -14.38 -6.21 14.20
C LEU A 405 -13.82 -7.64 14.19
N CYS A 406 -14.48 -8.53 14.94
CA CYS A 406 -14.06 -9.91 15.08
C CYS A 406 -14.65 -10.91 14.07
N LEU A 407 -13.86 -11.95 13.74
CA LEU A 407 -14.36 -12.99 12.85
C LEU A 407 -15.45 -13.61 13.71
N ASP A 408 -16.64 -13.78 13.12
CA ASP A 408 -17.79 -14.27 13.87
C ASP A 408 -18.62 -15.31 13.11
N ALA A 409 -18.90 -16.44 13.76
CA ALA A 409 -19.73 -17.49 13.16
C ALA A 409 -21.17 -17.00 13.31
N VAL A 410 -21.79 -16.64 12.20
CA VAL A 410 -23.15 -16.09 12.18
C VAL A 410 -24.18 -16.71 13.12
N GLY A 411 -24.80 -15.84 13.92
CA GLY A 411 -25.81 -16.27 14.86
C GLY A 411 -25.37 -17.29 15.88
N GLY A 412 -24.05 -17.52 15.96
CA GLY A 412 -23.54 -18.49 16.90
C GLY A 412 -23.73 -19.91 16.39
N GLY A 413 -24.00 -20.04 15.09
CA GLY A 413 -24.20 -21.36 14.53
C GLY A 413 -22.94 -22.20 14.70
N THR A 414 -23.11 -23.52 14.80
CA THR A 414 -21.97 -24.41 14.99
C THR A 414 -21.93 -25.55 13.96
N ALA A 415 -23.02 -25.71 13.22
CA ALA A 415 -23.11 -26.76 12.20
C ALA A 415 -22.33 -26.46 10.93
N ASN A 416 -22.10 -27.49 10.13
CA ASN A 416 -21.41 -27.32 8.86
C ASN A 416 -22.23 -26.34 8.04
N GLY A 417 -21.56 -25.44 7.34
CA GLY A 417 -22.29 -24.48 6.53
C GLY A 417 -22.53 -23.15 7.21
N THR A 418 -22.22 -23.05 8.50
CA THR A 418 -22.39 -21.80 9.22
C THR A 418 -21.44 -20.80 8.57
N LEU A 419 -21.99 -19.67 8.12
CA LEU A 419 -21.18 -18.65 7.46
C LEU A 419 -20.40 -17.78 8.43
N ILE A 420 -19.33 -17.16 7.94
CA ILE A 420 -18.49 -16.30 8.75
C ILE A 420 -18.70 -14.83 8.37
N GLN A 421 -18.81 -13.97 9.39
CA GLN A 421 -19.05 -12.55 9.18
C GLN A 421 -18.18 -11.75 10.14
N LEU A 422 -18.26 -10.43 10.04
CA LEU A 422 -17.54 -9.56 10.95
C LEU A 422 -18.59 -9.14 11.98
N TYR A 423 -18.19 -8.99 13.24
CA TYR A 423 -19.12 -8.56 14.26
C TYR A 423 -18.36 -8.01 15.47
N SER A 424 -18.95 -7.01 16.12
CA SER A 424 -18.32 -6.41 17.29
C SER A 424 -17.86 -7.52 18.22
N CYS A 425 -16.60 -7.44 18.65
CA CYS A 425 -16.03 -8.46 19.52
C CYS A 425 -16.80 -8.58 20.82
N SER A 426 -17.10 -9.81 21.21
CA SER A 426 -17.87 -10.07 22.42
C SER A 426 -17.27 -11.15 23.31
N ASN A 427 -16.14 -11.71 22.89
CA ASN A 427 -15.48 -12.76 23.65
C ASN A 427 -16.32 -14.04 23.60
N GLY A 428 -17.27 -14.10 22.67
CA GLY A 428 -18.11 -15.27 22.53
C GLY A 428 -17.37 -16.46 21.95
N SER A 429 -17.84 -17.67 22.24
CA SER A 429 -17.19 -18.88 21.74
C SER A 429 -17.22 -18.98 20.22
N ASN A 430 -18.14 -18.24 19.60
CA ASN A 430 -18.28 -18.24 18.14
C ASN A 430 -17.33 -17.21 17.55
N GLN A 431 -16.49 -16.63 18.40
CA GLN A 431 -15.51 -15.63 17.97
C GLN A 431 -14.12 -16.04 18.44
N ARG A 432 -14.01 -17.22 19.04
CA ARG A 432 -12.73 -17.71 19.51
C ARG A 432 -12.23 -18.83 18.62
N TRP A 433 -10.94 -18.79 18.29
CA TRP A 433 -10.35 -19.78 17.41
C TRP A 433 -9.02 -20.32 17.93
N THR A 434 -8.70 -21.55 17.56
CA THR A 434 -7.46 -22.18 17.96
C THR A 434 -6.78 -22.72 16.71
N ARG A 435 -5.48 -22.53 16.59
CA ARG A 435 -4.75 -23.01 15.43
C ARG A 435 -3.76 -24.12 15.77
N THR A 436 -3.69 -25.12 14.89
CA THR A 436 -2.80 -26.25 15.07
C THR A 436 -2.09 -26.57 13.75
N ALA B 1 2.31 -1.21 -31.81
CA ALA B 1 1.52 -2.19 -32.60
C ALA B 1 1.19 -3.39 -31.72
N GLU B 2 2.08 -3.68 -30.79
CA GLU B 2 1.90 -4.79 -29.87
C GLU B 2 2.53 -4.42 -28.53
N SER B 3 3.05 -3.20 -28.45
CA SER B 3 3.72 -2.71 -27.25
C SER B 3 2.89 -1.76 -26.38
N THR B 4 1.72 -1.36 -26.88
CA THR B 4 0.84 -0.46 -26.11
C THR B 4 -0.57 -1.08 -26.07
N LEU B 5 -1.33 -0.71 -25.06
CA LEU B 5 -2.68 -1.26 -24.90
C LEU B 5 -3.61 -0.98 -26.10
N GLY B 6 -3.66 0.27 -26.54
CA GLY B 6 -4.53 0.61 -27.66
C GLY B 6 -4.17 -0.13 -28.93
N ALA B 7 -2.88 -0.17 -29.26
CA ALA B 7 -2.42 -0.85 -30.46
C ALA B 7 -2.70 -2.36 -30.38
N ALA B 8 -2.53 -2.94 -29.19
CA ALA B 8 -2.78 -4.37 -29.01
C ALA B 8 -4.27 -4.66 -29.20
N ALA B 9 -5.12 -3.81 -28.64
CA ALA B 9 -6.57 -3.99 -28.76
C ALA B 9 -6.97 -3.86 -30.23
N ALA B 10 -6.30 -2.97 -30.94
CA ALA B 10 -6.59 -2.74 -32.36
C ALA B 10 -6.35 -4.00 -33.18
N GLN B 11 -5.55 -4.92 -32.67
CA GLN B 11 -5.28 -6.17 -33.37
C GLN B 11 -6.52 -7.06 -33.42
N SER B 12 -7.55 -6.71 -32.65
CA SER B 12 -8.79 -7.47 -32.68
C SER B 12 -9.94 -6.54 -33.07
N GLY B 13 -9.57 -5.39 -33.64
CA GLY B 13 -10.57 -4.42 -34.06
C GLY B 13 -11.24 -3.69 -32.91
N ARG B 14 -10.58 -3.71 -31.75
CA ARG B 14 -11.13 -3.05 -30.57
C ARG B 14 -10.28 -1.87 -30.12
N TYR B 15 -10.76 -1.15 -29.12
CA TYR B 15 -10.02 -0.02 -28.58
C TYR B 15 -9.73 -0.28 -27.11
N PHE B 16 -8.79 0.48 -26.55
CA PHE B 16 -8.50 0.39 -25.13
C PHE B 16 -8.39 1.85 -24.73
N GLY B 17 -9.31 2.30 -23.90
CA GLY B 17 -9.31 3.70 -23.52
C GLY B 17 -9.17 3.98 -22.04
N THR B 18 -9.23 5.26 -21.71
CA THR B 18 -9.12 5.69 -20.33
C THR B 18 -10.00 6.91 -20.11
N ALA B 19 -10.15 7.28 -18.85
CA ALA B 19 -10.91 8.46 -18.49
C ALA B 19 -9.86 9.56 -18.37
N ILE B 20 -10.11 10.70 -18.99
CA ILE B 20 -9.17 11.82 -18.94
C ILE B 20 -9.74 12.96 -18.11
N ALA B 21 -8.90 13.54 -17.25
CA ALA B 21 -9.30 14.67 -16.41
C ALA B 21 -8.61 15.91 -16.99
N SER B 22 -9.39 16.91 -17.35
CA SER B 22 -8.86 18.14 -17.93
C SER B 22 -7.82 18.82 -17.05
N GLY B 23 -8.03 18.76 -15.74
CA GLY B 23 -7.11 19.39 -14.81
C GLY B 23 -5.76 18.73 -14.68
N LYS B 24 -5.61 17.53 -15.25
CA LYS B 24 -4.34 16.81 -15.17
C LYS B 24 -3.58 16.85 -16.49
N LEU B 25 -4.15 17.50 -17.50
CA LEU B 25 -3.49 17.58 -18.81
C LEU B 25 -2.21 18.44 -18.82
N GLY B 26 -1.97 19.15 -17.73
CA GLY B 26 -0.76 19.96 -17.64
C GLY B 26 0.37 19.15 -17.02
N ASP B 27 0.05 17.91 -16.65
CA ASP B 27 0.98 16.97 -16.02
C ASP B 27 1.66 16.13 -17.12
N SER B 28 2.92 16.43 -17.42
CA SER B 28 3.65 15.72 -18.48
C SER B 28 3.73 14.20 -18.31
N ALA B 29 3.88 13.74 -17.06
CA ALA B 29 3.96 12.31 -16.81
C ALA B 29 2.62 11.67 -17.15
N TYR B 30 1.54 12.37 -16.80
CA TYR B 30 0.19 11.91 -17.04
C TYR B 30 -0.10 11.78 -18.53
N THR B 31 0.10 12.87 -19.27
CA THR B 31 -0.16 12.87 -20.71
C THR B 31 0.75 11.95 -21.51
N THR B 32 2.00 11.77 -21.05
CA THR B 32 2.91 10.89 -21.76
C THR B 32 2.34 9.48 -21.75
N ILE B 33 1.88 9.02 -20.60
CA ILE B 33 1.31 7.68 -20.48
C ILE B 33 0.00 7.58 -21.24
N ALA B 34 -0.90 8.54 -21.00
CA ALA B 34 -2.21 8.54 -21.64
C ALA B 34 -2.18 8.58 -23.17
N SER B 35 -1.34 9.44 -23.73
CA SER B 35 -1.26 9.54 -25.18
C SER B 35 -0.67 8.28 -25.80
N ARG B 36 0.30 7.69 -25.11
CA ARG B 36 0.96 6.50 -25.59
C ARG B 36 0.13 5.22 -25.56
N GLU B 37 -0.55 4.98 -24.44
CA GLU B 37 -1.31 3.75 -24.23
C GLU B 37 -2.77 3.61 -24.68
N PHE B 38 -3.47 4.72 -24.87
CA PHE B 38 -4.90 4.64 -25.20
C PHE B 38 -5.33 5.23 -26.53
N ASN B 39 -6.31 4.60 -27.17
CA ASN B 39 -6.82 5.12 -28.44
C ASN B 39 -8.29 5.51 -28.35
N MET B 40 -8.80 5.59 -27.11
CA MET B 40 -10.17 6.00 -26.84
C MET B 40 -10.13 6.81 -25.55
N VAL B 41 -10.88 7.90 -25.53
CA VAL B 41 -10.92 8.80 -24.38
C VAL B 41 -12.34 9.11 -23.92
N THR B 42 -12.54 9.13 -22.62
CA THR B 42 -13.83 9.51 -22.05
C THR B 42 -13.51 10.64 -21.09
N ALA B 43 -14.27 11.73 -21.14
CA ALA B 43 -14.01 12.84 -20.22
C ALA B 43 -14.54 12.38 -18.86
N GLU B 44 -13.70 12.41 -17.84
CA GLU B 44 -14.12 11.95 -16.52
C GLU B 44 -15.30 12.72 -15.94
N ASN B 45 -15.34 14.04 -16.16
CA ASN B 45 -16.43 14.87 -15.62
C ASN B 45 -16.87 16.01 -16.53
N GLU B 46 -15.98 16.40 -17.44
CA GLU B 46 -16.21 17.54 -18.31
C GLU B 46 -17.38 17.56 -19.28
N MET B 47 -17.99 16.41 -19.56
CA MET B 47 -19.13 16.39 -20.46
C MET B 47 -20.43 16.06 -19.75
N LYS B 48 -20.39 16.08 -18.41
CA LYS B 48 -21.58 15.79 -17.63
C LYS B 48 -22.50 17.02 -17.68
N ILE B 49 -23.70 16.88 -17.11
CA ILE B 49 -24.69 17.95 -17.17
C ILE B 49 -24.28 19.28 -16.54
N ASP B 50 -23.71 19.24 -15.34
CA ASP B 50 -23.31 20.47 -14.68
C ASP B 50 -22.18 21.18 -15.43
N ALA B 51 -21.28 20.40 -16.03
CA ALA B 51 -20.15 20.97 -16.76
C ALA B 51 -20.53 21.55 -18.12
N THR B 52 -21.55 21.01 -18.75
CA THR B 52 -21.96 21.46 -20.08
C THR B 52 -23.13 22.45 -20.15
N GLU B 53 -23.93 22.53 -19.08
CA GLU B 53 -25.06 23.47 -19.06
C GLU B 53 -25.20 24.02 -17.63
N PRO B 54 -24.26 24.89 -17.22
CA PRO B 54 -24.24 25.52 -15.90
C PRO B 54 -25.48 26.30 -15.51
N GLN B 55 -26.19 26.83 -16.49
CA GLN B 55 -27.42 27.55 -16.27
C GLN B 55 -28.38 27.07 -17.34
N ARG B 56 -29.68 27.07 -17.04
CA ARG B 56 -30.66 26.58 -18.00
C ARG B 56 -30.59 27.30 -19.34
N GLY B 57 -30.32 26.55 -20.40
CA GLY B 57 -30.25 27.12 -21.73
C GLY B 57 -28.91 27.74 -22.07
N GLN B 58 -27.99 27.75 -21.10
CA GLN B 58 -26.66 28.32 -21.33
C GLN B 58 -25.63 27.21 -21.33
N PHE B 59 -25.22 26.79 -22.52
CA PHE B 59 -24.26 25.72 -22.67
C PHE B 59 -22.84 26.23 -22.59
N ASN B 60 -21.95 25.38 -22.06
CA ASN B 60 -20.55 25.74 -21.90
C ASN B 60 -19.70 24.52 -22.22
N PHE B 61 -18.82 24.64 -23.20
CA PHE B 61 -17.99 23.51 -23.58
C PHE B 61 -16.50 23.73 -23.35
N SER B 62 -16.16 24.70 -22.52
CA SER B 62 -14.76 25.00 -22.23
C SER B 62 -14.03 23.82 -21.60
N ALA B 63 -14.69 23.09 -20.71
CA ALA B 63 -14.07 21.94 -20.07
C ALA B 63 -14.05 20.73 -21.01
N GLY B 64 -15.21 20.45 -21.59
CA GLY B 64 -15.32 19.31 -22.49
C GLY B 64 -14.42 19.38 -23.70
N ASP B 65 -14.32 20.57 -24.31
CA ASP B 65 -13.49 20.73 -25.49
C ASP B 65 -11.99 20.56 -25.23
N ARG B 66 -11.55 20.87 -24.01
CA ARG B 66 -10.14 20.70 -23.70
C ARG B 66 -9.81 19.20 -23.73
N VAL B 67 -10.73 18.37 -23.22
CA VAL B 67 -10.51 16.93 -23.24
C VAL B 67 -10.63 16.46 -24.69
N TYR B 68 -11.68 16.90 -25.37
CA TYR B 68 -11.90 16.50 -26.76
C TYR B 68 -10.71 16.87 -27.65
N ASN B 69 -10.25 18.11 -27.56
CA ASN B 69 -9.12 18.56 -28.37
C ASN B 69 -7.89 17.70 -28.15
N TRP B 70 -7.59 17.41 -26.88
CA TRP B 70 -6.43 16.60 -26.54
C TRP B 70 -6.57 15.22 -27.18
N ALA B 71 -7.75 14.62 -27.06
CA ALA B 71 -7.99 13.30 -27.63
C ALA B 71 -7.72 13.26 -29.14
N VAL B 72 -8.41 14.12 -29.88
CA VAL B 72 -8.24 14.14 -31.33
C VAL B 72 -6.83 14.49 -31.76
N GLN B 73 -6.21 15.43 -31.05
CA GLN B 73 -4.83 15.84 -31.36
C GLN B 73 -3.90 14.65 -31.21
N ASN B 74 -4.25 13.71 -30.34
CA ASN B 74 -3.43 12.54 -30.08
C ASN B 74 -3.98 11.24 -30.68
N GLY B 75 -4.83 11.37 -31.70
CA GLY B 75 -5.36 10.22 -32.39
C GLY B 75 -6.37 9.31 -31.68
N LYS B 76 -7.07 9.81 -30.68
CA LYS B 76 -8.05 8.98 -29.98
C LYS B 76 -9.47 9.34 -30.36
N GLN B 77 -10.36 8.36 -30.29
CA GLN B 77 -11.77 8.62 -30.55
C GLN B 77 -12.29 9.00 -29.18
N VAL B 78 -13.55 9.42 -29.11
CA VAL B 78 -14.11 9.87 -27.85
C VAL B 78 -15.47 9.26 -27.51
N ARG B 79 -15.66 8.93 -26.24
CA ARG B 79 -16.93 8.41 -25.74
C ARG B 79 -17.50 9.59 -24.95
N GLY B 80 -18.69 10.05 -25.31
CA GLY B 80 -19.34 11.14 -24.60
C GLY B 80 -20.00 10.59 -23.35
N HIS B 81 -19.89 11.31 -22.23
CA HIS B 81 -20.40 10.84 -20.94
C HIS B 81 -20.71 12.06 -20.05
N THR B 82 -21.94 12.26 -19.57
CA THR B 82 -23.15 11.46 -19.79
C THR B 82 -24.26 12.50 -20.01
N LEU B 83 -25.21 12.21 -20.88
CA LEU B 83 -26.27 13.17 -21.22
C LEU B 83 -27.45 13.34 -20.27
N ALA B 84 -27.92 12.25 -19.68
CA ALA B 84 -29.07 12.34 -18.79
C ALA B 84 -29.01 11.32 -17.68
N TRP B 85 -28.86 11.81 -16.45
CA TRP B 85 -28.81 10.94 -15.29
C TRP B 85 -29.07 11.76 -14.04
N HIS B 86 -29.24 11.06 -12.91
CA HIS B 86 -29.55 11.70 -11.63
C HIS B 86 -28.41 12.39 -10.90
N SER B 87 -27.17 11.99 -11.19
CA SER B 87 -26.03 12.55 -10.48
C SER B 87 -25.34 13.75 -11.10
N GLN B 88 -24.70 14.53 -10.25
CA GLN B 88 -23.96 15.73 -10.66
C GLN B 88 -24.78 16.68 -11.52
N GLN B 89 -26.07 16.81 -11.20
CA GLN B 89 -26.93 17.73 -11.93
C GLN B 89 -26.66 19.12 -11.38
N PRO B 90 -26.71 20.15 -12.23
CA PRO B 90 -26.48 21.51 -11.74
C PRO B 90 -27.69 21.89 -10.89
N GLY B 91 -27.50 22.82 -9.97
CA GLY B 91 -28.59 23.23 -9.09
C GLY B 91 -29.91 23.54 -9.79
N TRP B 92 -29.85 24.24 -10.93
CA TRP B 92 -31.07 24.60 -11.63
C TRP B 92 -31.88 23.39 -12.11
N MET B 93 -31.20 22.29 -12.40
CA MET B 93 -31.90 21.08 -12.85
C MET B 93 -32.41 20.28 -11.66
N GLN B 94 -31.68 20.32 -10.55
CA GLN B 94 -32.11 19.59 -9.35
C GLN B 94 -33.44 20.15 -8.86
N SER B 95 -33.69 21.42 -9.15
CA SER B 95 -34.92 22.08 -8.74
C SER B 95 -36.12 21.77 -9.64
N LEU B 96 -35.87 21.06 -10.75
CA LEU B 96 -36.92 20.73 -11.70
C LEU B 96 -37.58 19.37 -11.51
N SER B 97 -38.84 19.29 -11.91
CA SER B 97 -39.62 18.06 -11.82
C SER B 97 -40.69 18.07 -12.91
N GLY B 98 -41.33 16.91 -13.10
CA GLY B 98 -42.39 16.80 -14.08
C GLY B 98 -42.04 17.19 -15.51
N SER B 99 -43.02 17.74 -16.21
CA SER B 99 -42.84 18.14 -17.60
C SER B 99 -41.73 19.16 -17.81
N THR B 100 -41.52 20.03 -16.83
CA THR B 100 -40.48 21.04 -16.95
C THR B 100 -39.11 20.37 -16.96
N LEU B 101 -38.93 19.37 -16.11
CA LEU B 101 -37.66 18.64 -16.06
C LEU B 101 -37.51 17.84 -17.34
N ARG B 102 -38.61 17.23 -17.79
CA ARG B 102 -38.58 16.43 -19.01
C ARG B 102 -38.09 17.22 -20.23
N GLN B 103 -38.60 18.43 -20.41
CA GLN B 103 -38.16 19.22 -21.56
C GLN B 103 -36.73 19.69 -21.37
N ALA B 104 -36.36 20.00 -20.13
CA ALA B 104 -35.00 20.44 -19.85
C ALA B 104 -34.02 19.31 -20.19
N MET B 105 -34.43 18.07 -19.92
CA MET B 105 -33.58 16.91 -20.22
C MET B 105 -33.39 16.82 -21.72
N ILE B 106 -34.48 16.98 -22.46
CA ILE B 106 -34.46 16.94 -23.93
C ILE B 106 -33.61 18.09 -24.47
N ASP B 107 -33.81 19.29 -23.93
CA ASP B 107 -33.05 20.45 -24.39
C ASP B 107 -31.56 20.25 -24.14
N HIS B 108 -31.21 19.63 -23.01
CA HIS B 108 -29.82 19.40 -22.69
C HIS B 108 -29.18 18.44 -23.70
N ILE B 109 -29.87 17.35 -23.98
CA ILE B 109 -29.39 16.36 -24.94
C ILE B 109 -29.12 17.03 -26.29
N ASN B 110 -30.09 17.81 -26.77
CA ASN B 110 -29.92 18.48 -28.05
C ASN B 110 -28.76 19.47 -28.07
N GLY B 111 -28.61 20.22 -26.99
CA GLY B 111 -27.54 21.21 -26.94
C GLY B 111 -26.15 20.60 -26.95
N VAL B 112 -25.95 19.59 -26.11
CA VAL B 112 -24.64 18.95 -26.00
C VAL B 112 -24.29 18.12 -27.24
N MET B 113 -25.23 17.28 -27.68
CA MET B 113 -24.96 16.46 -28.86
C MET B 113 -24.79 17.33 -30.11
N GLY B 114 -25.50 18.45 -30.15
CA GLY B 114 -25.39 19.34 -31.29
C GLY B 114 -23.99 19.92 -31.40
N HIS B 115 -23.41 20.28 -30.26
CA HIS B 115 -22.06 20.84 -30.25
C HIS B 115 -21.04 19.82 -30.74
N TYR B 116 -21.23 18.56 -30.37
CA TYR B 116 -20.30 17.49 -30.74
C TYR B 116 -20.77 16.61 -31.89
N LYS B 117 -21.79 17.06 -32.61
CA LYS B 117 -22.35 16.29 -33.71
C LYS B 117 -21.33 15.71 -34.67
N GLY B 118 -21.37 14.40 -34.84
CA GLY B 118 -20.48 13.70 -35.74
C GLY B 118 -19.04 13.51 -35.27
N LYS B 119 -18.75 13.92 -34.04
CA LYS B 119 -17.39 13.79 -33.53
C LYS B 119 -17.26 12.77 -32.39
N ILE B 120 -18.38 12.16 -32.01
CA ILE B 120 -18.40 11.20 -30.90
C ILE B 120 -18.72 9.76 -31.32
N ALA B 121 -17.84 8.83 -30.97
CA ALA B 121 -18.03 7.42 -31.31
C ALA B 121 -19.21 6.79 -30.57
N GLN B 122 -19.27 7.04 -29.27
CA GLN B 122 -20.33 6.50 -28.43
C GLN B 122 -20.76 7.54 -27.41
N TRP B 123 -22.05 7.62 -27.13
CA TRP B 123 -22.57 8.54 -26.12
C TRP B 123 -23.28 7.73 -25.05
N ASP B 124 -22.94 7.96 -23.78
CA ASP B 124 -23.68 7.29 -22.71
C ASP B 124 -24.85 8.27 -22.58
N VAL B 125 -25.97 7.93 -23.22
CA VAL B 125 -27.14 8.79 -23.19
C VAL B 125 -27.77 8.84 -21.81
N VAL B 126 -27.91 7.67 -21.20
CA VAL B 126 -28.48 7.56 -19.87
C VAL B 126 -27.57 6.66 -19.06
N SER B 127 -27.41 6.97 -17.78
CA SER B 127 -26.54 6.19 -16.90
C SER B 127 -27.14 6.06 -15.50
N HIS B 128 -26.75 5.01 -14.78
CA HIS B 128 -27.19 4.75 -13.40
C HIS B 128 -28.68 4.86 -13.13
N ALA B 129 -29.51 4.43 -14.08
CA ALA B 129 -30.96 4.53 -13.91
C ALA B 129 -31.62 3.42 -13.09
N PHE B 130 -30.88 2.36 -12.77
CA PHE B 130 -31.47 1.28 -12.00
C PHE B 130 -31.02 1.26 -10.55
N SER B 131 -31.89 0.74 -9.68
CA SER B 131 -31.63 0.67 -8.25
C SER B 131 -30.74 -0.48 -7.84
N ASP B 132 -30.12 -0.35 -6.67
CA ASP B 132 -29.27 -1.40 -6.13
C ASP B 132 -30.01 -2.12 -5.01
N ASP B 133 -31.28 -1.76 -4.78
CA ASP B 133 -32.03 -2.39 -3.69
C ASP B 133 -32.40 -3.86 -3.87
N GLY B 134 -32.09 -4.43 -5.04
CA GLY B 134 -32.39 -5.83 -5.27
C GLY B 134 -33.71 -6.15 -5.95
N SER B 135 -34.53 -5.13 -6.20
CA SER B 135 -35.83 -5.33 -6.83
C SER B 135 -35.72 -5.38 -8.35
N GLY B 136 -34.59 -4.94 -8.89
CA GLY B 136 -34.41 -4.93 -10.32
C GLY B 136 -35.16 -3.79 -10.97
N GLY B 137 -35.62 -2.85 -10.14
CA GLY B 137 -36.37 -1.71 -10.66
C GLY B 137 -35.56 -0.44 -10.87
N ARG B 138 -36.27 0.64 -11.22
CA ARG B 138 -35.64 1.95 -11.48
C ARG B 138 -35.25 2.69 -10.20
N ARG B 139 -34.16 3.43 -10.29
CA ARG B 139 -33.68 4.26 -9.18
C ARG B 139 -34.65 5.44 -9.08
N ASP B 140 -34.96 5.85 -7.85
CA ASP B 140 -35.86 6.99 -7.67
C ASP B 140 -35.04 8.27 -7.83
N SER B 141 -35.44 9.11 -8.78
CA SER B 141 -34.75 10.36 -9.04
C SER B 141 -35.77 11.29 -9.67
N ASN B 142 -35.44 12.58 -9.79
CA ASN B 142 -36.37 13.49 -10.39
C ASN B 142 -36.68 13.06 -11.83
N LEU B 143 -35.69 12.52 -12.52
CA LEU B 143 -35.90 12.05 -13.89
C LEU B 143 -36.91 10.90 -13.95
N GLN B 144 -36.74 9.89 -13.10
CA GLN B 144 -37.68 8.76 -13.09
C GLN B 144 -39.08 9.24 -12.73
N ARG B 145 -39.17 10.23 -11.85
CA ARG B 145 -40.46 10.77 -11.44
C ARG B 145 -41.21 11.50 -12.56
N THR B 146 -40.53 11.81 -13.67
CA THR B 146 -41.19 12.48 -14.78
C THR B 146 -41.99 11.46 -15.59
N GLY B 147 -41.68 10.18 -15.36
CA GLY B 147 -42.37 9.12 -16.07
C GLY B 147 -41.37 8.04 -16.44
N ASN B 148 -41.81 6.79 -16.38
CA ASN B 148 -40.95 5.65 -16.68
C ASN B 148 -40.36 5.71 -18.09
N ASP B 149 -41.02 6.45 -18.98
CA ASP B 149 -40.58 6.57 -20.36
C ASP B 149 -39.46 7.59 -20.58
N TRP B 150 -38.92 8.18 -19.50
CA TRP B 150 -37.87 9.18 -19.68
C TRP B 150 -36.64 8.64 -20.38
N ILE B 151 -36.28 7.39 -20.11
CA ILE B 151 -35.10 6.80 -20.74
C ILE B 151 -35.33 6.65 -22.24
N GLU B 152 -36.49 6.12 -22.62
CA GLU B 152 -36.85 5.95 -24.01
C GLU B 152 -36.81 7.29 -24.74
N VAL B 153 -37.38 8.32 -24.10
CA VAL B 153 -37.39 9.65 -24.70
C VAL B 153 -35.98 10.19 -24.89
N ALA B 154 -35.11 9.95 -23.92
CA ALA B 154 -33.72 10.41 -24.03
C ALA B 154 -33.04 9.79 -25.25
N PHE B 155 -33.25 8.49 -25.45
CA PHE B 155 -32.64 7.82 -26.58
C PHE B 155 -33.23 8.28 -27.91
N ARG B 156 -34.54 8.46 -27.95
CA ARG B 156 -35.16 8.92 -29.19
C ARG B 156 -34.62 10.29 -29.53
N THR B 157 -34.48 11.14 -28.51
CA THR B 157 -33.95 12.50 -28.70
C THR B 157 -32.52 12.46 -29.21
N ALA B 158 -31.69 11.63 -28.58
CA ALA B 158 -30.28 11.50 -28.96
C ALA B 158 -30.10 11.02 -30.40
N ARG B 159 -30.88 10.04 -30.83
CA ARG B 159 -30.76 9.52 -32.20
C ARG B 159 -30.96 10.65 -33.21
N ALA B 160 -31.98 11.48 -32.98
CA ALA B 160 -32.26 12.58 -33.89
C ALA B 160 -31.19 13.67 -33.85
N ALA B 161 -30.63 13.92 -32.67
CA ALA B 161 -29.61 14.95 -32.50
C ALA B 161 -28.29 14.62 -33.21
N ASP B 162 -27.90 13.35 -33.21
CA ASP B 162 -26.68 12.93 -33.88
C ASP B 162 -26.81 11.45 -34.28
N PRO B 163 -27.30 11.20 -35.50
CA PRO B 163 -27.50 9.84 -36.03
C PRO B 163 -26.20 9.04 -36.19
N ALA B 164 -25.06 9.72 -36.15
CA ALA B 164 -23.78 9.06 -36.34
C ALA B 164 -23.18 8.45 -35.08
N ALA B 165 -23.66 8.85 -33.92
CA ALA B 165 -23.12 8.31 -32.67
C ALA B 165 -23.83 7.05 -32.22
N LYS B 166 -23.07 6.13 -31.62
CA LYS B 166 -23.68 4.92 -31.09
C LYS B 166 -24.23 5.34 -29.74
N LEU B 167 -25.49 5.02 -29.48
CA LEU B 167 -26.14 5.41 -28.23
C LEU B 167 -26.10 4.26 -27.22
N CYS B 168 -25.49 4.52 -26.06
CA CYS B 168 -25.38 3.48 -25.04
C CYS B 168 -26.11 3.80 -23.75
N TYR B 169 -26.50 2.73 -23.06
CA TYR B 169 -27.11 2.84 -21.74
C TYR B 169 -25.97 2.31 -20.87
N ASN B 170 -25.56 3.09 -19.86
CA ASN B 170 -24.46 2.72 -19.00
C ASN B 170 -24.88 2.52 -17.54
N ASP B 171 -24.30 1.54 -16.86
CA ASP B 171 -24.63 1.30 -15.45
C ASP B 171 -23.56 0.44 -14.78
N TYR B 172 -23.64 0.34 -13.46
CA TYR B 172 -22.69 -0.46 -12.69
C TYR B 172 -23.45 -1.55 -11.94
N ASN B 173 -22.71 -2.55 -11.48
CA ASN B 173 -23.30 -3.68 -10.76
C ASN B 173 -24.31 -4.41 -11.65
N ILE B 174 -24.00 -4.46 -12.94
CA ILE B 174 -24.84 -5.17 -13.90
C ILE B 174 -23.95 -6.15 -14.66
N GLU B 175 -22.82 -6.51 -14.05
CA GLU B 175 -21.88 -7.43 -14.68
C GLU B 175 -22.19 -8.89 -14.33
N ASN B 176 -22.60 -9.14 -13.09
CA ASN B 176 -22.94 -10.49 -12.64
C ASN B 176 -24.34 -10.81 -13.13
N TRP B 177 -24.46 -11.84 -13.97
CA TRP B 177 -25.76 -12.19 -14.52
C TRP B 177 -26.87 -12.45 -13.51
N THR B 178 -26.53 -13.06 -12.38
CA THR B 178 -27.53 -13.40 -11.37
C THR B 178 -28.19 -12.24 -10.63
N TRP B 179 -27.61 -11.05 -10.70
CA TRP B 179 -28.18 -9.91 -9.98
C TRP B 179 -29.45 -9.37 -10.63
N ALA B 180 -30.41 -8.98 -9.78
CA ALA B 180 -31.69 -8.45 -10.25
C ALA B 180 -31.50 -7.22 -11.13
N LYS B 181 -30.51 -6.40 -10.79
CA LYS B 181 -30.23 -5.17 -11.53
C LYS B 181 -29.85 -5.48 -12.98
N THR B 182 -28.95 -6.45 -13.14
CA THR B 182 -28.49 -6.88 -14.45
C THR B 182 -29.68 -7.29 -15.31
N GLN B 183 -30.56 -8.09 -14.73
CA GLN B 183 -31.72 -8.57 -15.45
C GLN B 183 -32.75 -7.49 -15.72
N GLY B 184 -32.81 -6.48 -14.84
CA GLY B 184 -33.74 -5.39 -15.06
C GLY B 184 -33.29 -4.57 -16.27
N VAL B 185 -31.98 -4.37 -16.37
CA VAL B 185 -31.44 -3.62 -17.50
C VAL B 185 -31.65 -4.43 -18.78
N TYR B 186 -31.42 -5.74 -18.70
CA TYR B 186 -31.62 -6.62 -19.86
C TYR B 186 -33.05 -6.49 -20.38
N ASN B 187 -34.02 -6.55 -19.46
CA ASN B 187 -35.42 -6.45 -19.85
C ASN B 187 -35.75 -5.13 -20.55
N MET B 188 -35.18 -4.04 -20.07
CA MET B 188 -35.42 -2.73 -20.67
C MET B 188 -34.84 -2.66 -22.08
N VAL B 189 -33.60 -3.11 -22.23
CA VAL B 189 -32.96 -3.08 -23.54
C VAL B 189 -33.74 -4.00 -24.48
N ARG B 190 -34.19 -5.14 -23.99
CA ARG B 190 -34.96 -6.05 -24.81
C ARG B 190 -36.23 -5.35 -25.30
N ASP B 191 -36.91 -4.68 -24.37
CA ASP B 191 -38.14 -3.96 -24.69
C ASP B 191 -37.87 -2.89 -25.73
N PHE B 192 -36.80 -2.11 -25.53
CA PHE B 192 -36.44 -1.07 -26.47
C PHE B 192 -36.23 -1.61 -27.88
N LYS B 193 -35.45 -2.68 -28.01
CA LYS B 193 -35.19 -3.25 -29.32
C LYS B 193 -36.47 -3.78 -29.96
N GLN B 194 -37.33 -4.37 -29.14
CA GLN B 194 -38.59 -4.92 -29.65
C GLN B 194 -39.52 -3.82 -30.18
N ARG B 195 -39.49 -2.65 -29.55
CA ARG B 195 -40.36 -1.55 -29.98
C ARG B 195 -39.70 -0.50 -30.86
N GLY B 196 -38.47 -0.77 -31.27
CA GLY B 196 -37.77 0.16 -32.14
C GLY B 196 -37.15 1.38 -31.48
N VAL B 197 -37.04 1.37 -30.15
CA VAL B 197 -36.41 2.49 -29.45
C VAL B 197 -34.93 2.43 -29.83
N PRO B 198 -34.39 3.55 -30.32
CA PRO B 198 -32.98 3.56 -30.72
C PRO B 198 -31.94 3.43 -29.60
N ILE B 199 -31.32 2.26 -29.53
CA ILE B 199 -30.25 2.00 -28.57
C ILE B 199 -29.29 1.08 -29.30
N ASP B 200 -28.01 1.44 -29.26
CA ASP B 200 -26.98 0.68 -29.97
C ASP B 200 -26.00 -0.07 -29.10
N CYS B 201 -25.95 0.26 -27.82
CA CYS B 201 -24.97 -0.37 -26.94
C CYS B 201 -25.33 -0.30 -25.47
N VAL B 202 -24.71 -1.18 -24.71
CA VAL B 202 -24.90 -1.20 -23.27
C VAL B 202 -23.50 -1.14 -22.68
N GLY B 203 -23.29 -0.18 -21.79
CA GLY B 203 -21.99 -0.03 -21.16
C GLY B 203 -21.97 -0.64 -19.77
N PHE B 204 -20.95 -1.45 -19.51
CA PHE B 204 -20.80 -2.07 -18.20
C PHE B 204 -19.63 -1.38 -17.51
N GLN B 205 -19.94 -0.55 -16.53
CA GLN B 205 -18.91 0.21 -15.82
C GLN B 205 -17.77 -0.68 -15.32
N SER B 206 -18.11 -1.86 -14.82
CA SER B 206 -17.11 -2.80 -14.35
C SER B 206 -16.21 -2.27 -13.23
N HIS B 207 -16.82 -1.72 -12.19
CA HIS B 207 -16.07 -1.23 -11.03
C HIS B 207 -16.05 -2.42 -10.08
N PHE B 208 -15.00 -3.22 -10.15
CA PHE B 208 -14.89 -4.42 -9.32
C PHE B 208 -14.07 -4.29 -8.03
N ASN B 209 -14.59 -4.90 -6.96
CA ASN B 209 -13.92 -4.91 -5.66
C ASN B 209 -14.50 -6.07 -4.85
N SER B 210 -13.96 -6.34 -3.66
CA SER B 210 -14.48 -7.47 -2.88
C SER B 210 -15.94 -7.31 -2.45
N GLY B 211 -16.48 -6.10 -2.60
CA GLY B 211 -17.87 -5.88 -2.26
C GLY B 211 -18.75 -6.29 -3.43
N SER B 212 -18.24 -6.07 -4.65
CA SER B 212 -18.94 -6.43 -5.88
C SER B 212 -17.87 -7.03 -6.77
N PRO B 213 -17.45 -8.27 -6.49
CA PRO B 213 -16.41 -8.95 -7.25
C PRO B 213 -16.76 -9.39 -8.67
N TYR B 214 -15.73 -9.43 -9.49
CA TYR B 214 -15.87 -9.87 -10.87
C TYR B 214 -16.29 -11.34 -10.77
N ASN B 215 -17.18 -11.77 -11.65
CA ASN B 215 -17.63 -13.16 -11.69
C ASN B 215 -17.48 -13.61 -13.14
N SER B 216 -16.98 -14.83 -13.33
CA SER B 216 -16.79 -15.35 -14.68
C SER B 216 -18.07 -15.35 -15.52
N ASN B 217 -19.23 -15.30 -14.88
CA ASN B 217 -20.47 -15.30 -15.66
C ASN B 217 -20.68 -13.98 -16.39
N PHE B 218 -19.72 -13.08 -16.24
CA PHE B 218 -19.77 -11.78 -16.92
C PHE B 218 -19.80 -12.03 -18.42
N ARG B 219 -19.10 -13.08 -18.86
CA ARG B 219 -19.09 -13.38 -20.28
C ARG B 219 -20.49 -13.73 -20.77
N THR B 220 -21.27 -14.45 -19.96
CA THR B 220 -22.63 -14.80 -20.38
C THR B 220 -23.51 -13.55 -20.36
N THR B 221 -23.20 -12.61 -19.47
CA THR B 221 -23.96 -11.36 -19.40
C THR B 221 -23.73 -10.61 -20.71
N LEU B 222 -22.47 -10.48 -21.10
CA LEU B 222 -22.11 -9.77 -22.32
C LEU B 222 -22.77 -10.45 -23.52
N GLN B 223 -22.69 -11.77 -23.54
CA GLN B 223 -23.29 -12.56 -24.62
C GLN B 223 -24.81 -12.38 -24.68
N ASN B 224 -25.46 -12.38 -23.52
CA ASN B 224 -26.90 -12.21 -23.48
C ASN B 224 -27.30 -10.86 -24.07
N PHE B 225 -26.61 -9.79 -23.67
CA PHE B 225 -26.94 -8.48 -24.23
C PHE B 225 -26.63 -8.39 -25.72
N ALA B 226 -25.50 -8.96 -26.14
CA ALA B 226 -25.14 -8.91 -27.56
C ALA B 226 -26.20 -9.60 -28.41
N ALA B 227 -26.82 -10.63 -27.86
CA ALA B 227 -27.87 -11.38 -28.57
C ALA B 227 -29.13 -10.55 -28.80
N LEU B 228 -29.25 -9.44 -28.08
CA LEU B 228 -30.41 -8.56 -28.23
C LEU B 228 -30.24 -7.64 -29.43
N GLY B 229 -29.05 -7.67 -30.03
CA GLY B 229 -28.81 -6.83 -31.19
C GLY B 229 -28.13 -5.51 -30.86
N VAL B 230 -27.41 -5.47 -29.74
CA VAL B 230 -26.69 -4.26 -29.35
C VAL B 230 -25.23 -4.60 -29.11
N ASP B 231 -24.36 -3.60 -29.23
CA ASP B 231 -22.96 -3.81 -28.97
C ASP B 231 -22.81 -3.68 -27.46
N VAL B 232 -21.67 -4.10 -26.92
CA VAL B 232 -21.41 -3.96 -25.49
C VAL B 232 -20.04 -3.33 -25.33
N ALA B 233 -19.82 -2.67 -24.21
CA ALA B 233 -18.53 -2.04 -23.95
C ALA B 233 -18.26 -2.00 -22.46
N ILE B 234 -17.00 -2.18 -22.10
CA ILE B 234 -16.58 -2.11 -20.70
C ILE B 234 -16.15 -0.65 -20.64
N THR B 235 -16.89 0.14 -19.87
CA THR B 235 -16.72 1.58 -19.82
C THR B 235 -15.94 2.28 -18.71
N GLU B 236 -15.90 1.71 -17.53
CA GLU B 236 -15.20 2.37 -16.42
C GLU B 236 -14.44 1.37 -15.58
N LEU B 237 -13.76 0.45 -16.25
CA LEU B 237 -13.03 -0.60 -15.57
C LEU B 237 -11.95 -0.20 -14.57
N ASP B 238 -12.07 -0.76 -13.38
CA ASP B 238 -11.06 -0.63 -12.34
C ASP B 238 -11.32 -1.79 -11.40
N ILE B 239 -10.23 -2.38 -10.92
CA ILE B 239 -10.31 -3.55 -10.06
C ILE B 239 -9.52 -3.33 -8.80
N GLN B 240 -10.20 -3.44 -7.66
CA GLN B 240 -9.57 -3.25 -6.36
C GLN B 240 -8.36 -4.16 -6.23
N GLY B 241 -7.20 -3.56 -6.00
CA GLY B 241 -5.97 -4.35 -5.87
C GLY B 241 -5.30 -4.65 -7.19
N ALA B 242 -6.01 -4.38 -8.28
CA ALA B 242 -5.49 -4.62 -9.62
C ALA B 242 -4.92 -6.01 -9.85
N SER B 243 -5.66 -7.04 -9.45
CA SER B 243 -5.25 -8.42 -9.63
C SER B 243 -4.95 -8.68 -11.10
N SER B 244 -3.76 -9.20 -11.39
CA SER B 244 -3.41 -9.48 -12.78
C SER B 244 -4.36 -10.48 -13.40
N SER B 245 -4.74 -11.51 -12.65
CA SER B 245 -5.65 -12.54 -13.16
C SER B 245 -7.04 -11.98 -13.47
N THR B 246 -7.53 -11.10 -12.60
CA THR B 246 -8.85 -10.52 -12.81
C THR B 246 -8.83 -9.57 -14.01
N TYR B 247 -7.78 -8.78 -14.13
CA TYR B 247 -7.67 -7.86 -15.27
C TYR B 247 -7.61 -8.65 -16.56
N ALA B 248 -6.88 -9.76 -16.55
CA ALA B 248 -6.77 -10.60 -17.72
C ALA B 248 -8.12 -11.26 -18.04
N ALA B 249 -8.80 -11.71 -17.01
CA ALA B 249 -10.10 -12.37 -17.17
C ALA B 249 -11.13 -11.45 -17.82
N VAL B 250 -11.19 -10.21 -17.35
CA VAL B 250 -12.14 -9.22 -17.90
C VAL B 250 -11.77 -8.92 -19.35
N THR B 251 -10.48 -8.74 -19.60
CA THR B 251 -10.01 -8.47 -20.95
C THR B 251 -10.39 -9.60 -21.89
N ASN B 252 -10.24 -10.84 -21.41
CA ASN B 252 -10.58 -11.99 -22.24
C ASN B 252 -12.09 -12.13 -22.47
N ASP B 253 -12.89 -11.64 -21.54
CA ASP B 253 -14.34 -11.71 -21.71
C ASP B 253 -14.74 -10.83 -22.91
N CYS B 254 -14.16 -9.64 -22.97
CA CYS B 254 -14.46 -8.74 -24.08
C CYS B 254 -13.95 -9.32 -25.39
N LEU B 255 -12.77 -9.93 -25.34
CA LEU B 255 -12.18 -10.53 -26.53
C LEU B 255 -12.97 -11.74 -27.03
N ALA B 256 -13.77 -12.33 -26.14
CA ALA B 256 -14.57 -13.50 -26.50
C ALA B 256 -15.92 -13.15 -27.13
N VAL B 257 -16.36 -11.90 -26.95
CA VAL B 257 -17.65 -11.45 -27.48
C VAL B 257 -17.41 -10.53 -28.68
N SER B 258 -17.79 -10.99 -29.87
CA SER B 258 -17.57 -10.22 -31.09
C SER B 258 -18.12 -8.80 -31.06
N ARG B 259 -19.22 -8.61 -30.34
CA ARG B 259 -19.86 -7.30 -30.24
C ARG B 259 -19.30 -6.41 -29.15
N CYS B 260 -18.30 -6.87 -28.40
CA CYS B 260 -17.68 -6.03 -27.38
C CYS B 260 -16.73 -5.10 -28.13
N LEU B 261 -17.08 -3.82 -28.16
CA LEU B 261 -16.30 -2.81 -28.87
C LEU B 261 -14.92 -2.50 -28.30
N GLY B 262 -14.79 -2.63 -26.98
CA GLY B 262 -13.52 -2.33 -26.37
C GLY B 262 -13.64 -2.11 -24.87
N ILE B 263 -12.52 -1.76 -24.26
CA ILE B 263 -12.45 -1.55 -22.83
C ILE B 263 -11.83 -0.22 -22.48
N THR B 264 -12.43 0.45 -21.50
CA THR B 264 -11.92 1.72 -21.00
C THR B 264 -11.68 1.51 -19.51
N VAL B 265 -10.49 1.87 -19.02
CA VAL B 265 -10.20 1.77 -17.61
C VAL B 265 -10.47 3.18 -17.07
N TRP B 266 -10.99 3.27 -15.85
CA TRP B 266 -11.36 4.56 -15.30
C TRP B 266 -10.22 5.37 -14.70
N GLY B 267 -9.27 5.76 -15.54
CA GLY B 267 -8.15 6.56 -15.08
C GLY B 267 -6.82 6.07 -15.60
N VAL B 268 -5.80 6.92 -15.47
CA VAL B 268 -4.46 6.58 -15.94
C VAL B 268 -3.61 5.94 -14.84
N ARG B 269 -3.27 6.71 -13.80
CA ARG B 269 -2.46 6.19 -12.69
C ARG B 269 -3.35 6.01 -11.45
N ASP B 270 -2.94 5.15 -10.53
CA ASP B 270 -3.72 4.93 -9.31
C ASP B 270 -4.01 6.25 -8.59
N THR B 271 -3.03 7.14 -8.61
CA THR B 271 -3.18 8.44 -7.95
C THR B 271 -4.20 9.35 -8.63
N ASP B 272 -4.62 8.98 -9.83
CA ASP B 272 -5.60 9.76 -10.59
C ASP B 272 -7.00 9.18 -10.39
N SER B 273 -7.08 8.00 -9.78
CA SER B 273 -8.34 7.31 -9.56
C SER B 273 -9.29 7.92 -8.54
N TRP B 274 -10.58 7.78 -8.81
CA TRP B 274 -11.61 8.28 -7.92
C TRP B 274 -11.65 7.38 -6.69
N ARG B 275 -10.92 6.27 -6.77
CA ARG B 275 -10.81 5.30 -5.68
C ARG B 275 -9.36 4.87 -5.57
N SER B 276 -8.48 5.86 -5.43
CA SER B 276 -7.03 5.63 -5.32
C SER B 276 -6.64 4.66 -4.22
N GLY B 277 -7.40 4.65 -3.13
CA GLY B 277 -7.11 3.76 -2.02
C GLY B 277 -7.16 2.29 -2.42
N ASP B 278 -7.90 1.99 -3.48
CA ASP B 278 -8.01 0.62 -3.96
C ASP B 278 -6.97 0.29 -5.05
N THR B 279 -6.02 1.20 -5.27
CA THR B 279 -4.97 1.04 -6.29
C THR B 279 -5.52 0.10 -7.38
N PRO B 280 -6.63 0.51 -8.01
CA PRO B 280 -7.34 -0.22 -9.04
C PRO B 280 -6.98 -0.07 -10.52
N LEU B 281 -5.97 0.72 -10.85
CA LEU B 281 -5.62 0.93 -12.26
C LEU B 281 -4.36 0.19 -12.70
N LEU B 282 -3.92 0.45 -13.93
CA LEU B 282 -2.77 -0.24 -14.51
C LEU B 282 -1.40 0.41 -14.35
N PHE B 283 -1.37 1.66 -13.90
CA PHE B 283 -0.10 2.36 -13.67
C PHE B 283 -0.11 2.90 -12.25
N ASN B 284 1.03 2.88 -11.57
CA ASN B 284 1.01 3.41 -10.22
C ASN B 284 1.35 4.90 -10.24
N GLY B 285 1.38 5.51 -9.05
CA GLY B 285 1.66 6.92 -8.93
C GLY B 285 2.88 7.45 -9.66
N ASP B 286 4.01 6.75 -9.56
CA ASP B 286 5.20 7.23 -10.25
C ASP B 286 5.20 6.92 -11.74
N GLY B 287 4.05 6.45 -12.23
CA GLY B 287 3.92 6.15 -13.66
C GLY B 287 4.43 4.82 -14.16
N SER B 288 4.88 3.94 -13.27
CA SER B 288 5.38 2.65 -13.73
C SER B 288 4.26 1.67 -14.03
N LYS B 289 4.49 0.81 -15.02
CA LYS B 289 3.51 -0.20 -15.38
C LYS B 289 3.43 -1.21 -14.25
N LYS B 290 2.21 -1.58 -13.88
CA LYS B 290 2.02 -2.56 -12.82
C LYS B 290 1.99 -3.96 -13.43
N ALA B 291 2.04 -4.98 -12.57
CA ALA B 291 1.99 -6.36 -13.04
C ALA B 291 0.75 -6.56 -13.90
N ALA B 292 -0.35 -5.93 -13.50
CA ALA B 292 -1.61 -6.05 -14.22
C ALA B 292 -1.53 -5.49 -15.64
N TYR B 293 -0.69 -4.48 -15.84
CA TYR B 293 -0.54 -3.91 -17.18
C TYR B 293 -0.05 -4.98 -18.14
N THR B 294 0.98 -5.70 -17.72
CA THR B 294 1.55 -6.75 -18.55
C THR B 294 0.54 -7.86 -18.82
N ALA B 295 -0.27 -8.16 -17.80
CA ALA B 295 -1.30 -9.20 -17.92
C ALA B 295 -2.34 -8.80 -18.97
N VAL B 296 -2.74 -7.53 -18.95
CA VAL B 296 -3.72 -7.04 -19.92
C VAL B 296 -3.12 -7.01 -21.33
N LEU B 297 -1.91 -6.48 -21.45
CA LEU B 297 -1.25 -6.42 -22.76
C LEU B 297 -1.12 -7.82 -23.35
N ASN B 298 -0.69 -8.78 -22.53
CA ASN B 298 -0.54 -10.16 -22.98
C ASN B 298 -1.86 -10.73 -23.48
N ALA B 299 -2.94 -10.48 -22.73
CA ALA B 299 -4.26 -10.98 -23.12
C ALA B 299 -4.69 -10.39 -24.47
N LEU B 300 -4.53 -9.08 -24.62
CA LEU B 300 -4.91 -8.41 -25.86
C LEU B 300 -4.13 -8.97 -27.03
N ASN B 301 -2.86 -9.31 -26.80
CA ASN B 301 -2.01 -9.86 -27.85
C ASN B 301 -2.23 -11.35 -28.11
N GLY B 302 -3.24 -11.91 -27.46
CA GLY B 302 -3.56 -13.32 -27.68
C GLY B 302 -3.17 -14.29 -26.58
N GLY B 303 -2.37 -13.82 -25.62
CA GLY B 303 -1.95 -14.68 -24.53
C GLY B 303 -1.00 -15.78 -24.96
N GLY B 313 6.98 -22.84 -9.04
CA GLY B 313 7.81 -23.43 -10.07
C GLY B 313 9.19 -22.81 -10.15
N GLN B 314 10.05 -23.39 -10.98
CA GLN B 314 11.41 -22.88 -11.14
C GLN B 314 11.48 -21.78 -12.20
N ILE B 315 12.56 -21.01 -12.16
CA ILE B 315 12.78 -19.93 -13.11
C ILE B 315 14.18 -20.11 -13.70
N LYS B 316 14.25 -20.87 -14.78
CA LYS B 316 15.51 -21.17 -15.45
C LYS B 316 15.96 -20.06 -16.39
N GLY B 317 17.23 -19.69 -16.30
CA GLY B 317 17.78 -18.65 -17.15
C GLY B 317 18.26 -19.20 -18.47
N VAL B 318 17.86 -18.55 -19.57
CA VAL B 318 18.28 -18.98 -20.90
C VAL B 318 19.77 -18.76 -21.06
N GLY B 319 20.47 -19.76 -21.60
CA GLY B 319 21.89 -19.62 -21.79
C GLY B 319 22.66 -20.31 -20.67
N SER B 320 22.46 -19.86 -19.44
CA SER B 320 23.13 -20.47 -18.30
C SER B 320 22.52 -21.84 -18.03
N GLY B 321 21.21 -21.95 -18.26
CA GLY B 321 20.52 -23.20 -18.04
C GLY B 321 20.31 -23.48 -16.56
N ARG B 322 20.71 -22.53 -15.72
CA ARG B 322 20.55 -22.67 -14.27
C ARG B 322 19.32 -21.94 -13.77
N CYS B 323 18.79 -22.38 -12.63
CA CYS B 323 17.60 -21.80 -12.03
C CYS B 323 17.89 -20.74 -10.97
N LEU B 324 16.94 -19.83 -10.77
CA LEU B 324 17.07 -18.77 -9.76
C LEU B 324 17.10 -19.49 -8.43
N ASP B 325 18.20 -19.31 -7.69
CA ASP B 325 18.38 -20.00 -6.42
C ASP B 325 18.79 -19.13 -5.23
N VAL B 326 18.28 -19.48 -4.06
CA VAL B 326 18.61 -18.75 -2.83
C VAL B 326 19.76 -19.53 -2.19
N PRO B 327 20.97 -18.94 -2.16
CA PRO B 327 22.17 -19.54 -1.58
C PRO B 327 21.98 -20.33 -0.29
N ASN B 328 22.38 -21.60 -0.34
CA ASN B 328 22.29 -22.49 0.82
C ASN B 328 20.87 -22.61 1.37
N ALA B 329 19.89 -22.31 0.55
CA ALA B 329 18.49 -22.39 0.97
C ALA B 329 18.25 -21.54 2.22
N SER B 330 18.99 -20.43 2.33
CA SER B 330 18.86 -19.52 3.46
C SER B 330 17.53 -18.79 3.40
N THR B 331 17.00 -18.44 4.57
CA THR B 331 15.74 -17.71 4.66
C THR B 331 15.99 -16.35 5.30
N THR B 332 17.26 -15.98 5.36
CA THR B 332 17.67 -14.71 5.96
C THR B 332 17.44 -13.51 5.03
N ASP B 333 16.76 -12.50 5.55
CA ASP B 333 16.50 -11.30 4.77
C ASP B 333 17.81 -10.66 4.36
N GLY B 334 17.89 -10.19 3.11
CA GLY B 334 19.10 -9.57 2.64
C GLY B 334 20.01 -10.51 1.88
N THR B 335 19.60 -11.77 1.78
CA THR B 335 20.39 -12.77 1.05
C THR B 335 20.23 -12.58 -0.45
N GLN B 336 21.33 -12.28 -1.13
CA GLN B 336 21.29 -12.08 -2.57
C GLN B 336 21.13 -13.42 -3.29
N VAL B 337 20.30 -13.44 -4.32
CA VAL B 337 20.05 -14.66 -5.08
C VAL B 337 21.11 -14.94 -6.15
N GLN B 338 21.13 -16.18 -6.63
CA GLN B 338 22.10 -16.60 -7.64
C GLN B 338 21.53 -17.64 -8.59
N LEU B 339 22.37 -18.11 -9.50
CA LEU B 339 22.00 -19.14 -10.46
C LEU B 339 22.59 -20.43 -9.92
N TYR B 340 21.85 -21.54 -10.06
CA TYR B 340 22.34 -22.82 -9.58
C TYR B 340 21.63 -23.99 -10.26
N ASP B 341 22.29 -25.13 -10.29
CA ASP B 341 21.73 -26.33 -10.90
C ASP B 341 20.30 -26.54 -10.44
N CYS B 342 19.37 -26.62 -11.40
CA CYS B 342 17.96 -26.82 -11.09
C CYS B 342 17.71 -28.18 -10.44
N HIS B 343 17.07 -28.18 -9.28
CA HIS B 343 16.74 -29.41 -8.59
C HIS B 343 15.53 -29.22 -7.69
N SER B 344 14.86 -30.31 -7.35
CA SER B 344 13.67 -30.25 -6.51
C SER B 344 13.99 -29.71 -5.11
N ALA B 345 14.03 -28.40 -4.99
CA ALA B 345 14.33 -27.73 -3.72
C ALA B 345 13.44 -26.49 -3.56
N THR B 346 12.98 -26.25 -2.34
CA THR B 346 12.12 -25.11 -2.06
C THR B 346 12.79 -23.78 -2.35
N ASN B 347 14.11 -23.70 -2.17
CA ASN B 347 14.85 -22.47 -2.42
C ASN B 347 14.98 -22.19 -3.91
N GLN B 348 14.16 -22.87 -4.71
CA GLN B 348 14.14 -22.69 -6.15
C GLN B 348 12.71 -22.68 -6.69
N GLN B 349 11.76 -22.81 -5.77
CA GLN B 349 10.34 -22.80 -6.11
C GLN B 349 9.78 -21.40 -5.92
N TRP B 350 9.56 -20.69 -7.02
CA TRP B 350 9.03 -19.33 -6.95
C TRP B 350 7.58 -19.28 -7.40
N THR B 351 6.78 -18.47 -6.73
CA THR B 351 5.38 -18.32 -7.06
C THR B 351 5.09 -16.87 -7.45
N TYR B 352 4.58 -16.69 -8.67
CA TYR B 352 4.24 -15.37 -9.17
C TYR B 352 2.81 -15.09 -8.73
N THR B 353 2.61 -14.07 -7.91
CA THR B 353 1.30 -13.72 -7.41
C THR B 353 0.56 -12.70 -8.26
N ASP B 354 -0.73 -12.52 -7.99
CA ASP B 354 -1.55 -11.56 -8.72
C ASP B 354 -1.09 -10.13 -8.48
N ALA B 355 -0.37 -9.94 -7.38
CA ALA B 355 0.14 -8.62 -7.02
C ALA B 355 1.46 -8.36 -7.74
N GLY B 356 2.02 -9.40 -8.34
CA GLY B 356 3.27 -9.24 -9.08
C GLY B 356 4.52 -9.64 -8.33
N GLU B 357 4.36 -10.29 -7.18
CA GLU B 357 5.52 -10.70 -6.40
C GLU B 357 6.04 -12.06 -6.87
N LEU B 358 7.30 -12.32 -6.55
CA LEU B 358 7.92 -13.59 -6.86
C LEU B 358 8.27 -14.12 -5.47
N ARG B 359 7.40 -14.98 -4.95
CA ARG B 359 7.56 -15.54 -3.61
C ARG B 359 8.31 -16.86 -3.54
N VAL B 360 8.97 -17.05 -2.41
CA VAL B 360 9.72 -18.26 -2.13
C VAL B 360 9.58 -18.53 -0.63
N TYR B 361 9.52 -19.79 -0.25
CA TYR B 361 9.37 -20.20 1.15
C TYR B 361 7.98 -19.83 1.69
N GLY B 362 7.14 -19.26 0.83
CA GLY B 362 5.80 -18.89 1.28
C GLY B 362 5.62 -17.43 1.67
N ASP B 363 6.58 -16.86 2.39
CA ASP B 363 6.42 -15.46 2.80
C ASP B 363 7.66 -14.59 2.57
N LYS B 364 8.55 -15.03 1.69
CA LYS B 364 9.73 -14.24 1.35
C LYS B 364 9.52 -13.76 -0.09
N CYS B 365 9.98 -12.55 -0.38
CA CYS B 365 9.80 -11.96 -1.71
C CYS B 365 11.09 -11.56 -2.41
N LEU B 366 11.12 -11.75 -3.73
CA LEU B 366 12.29 -11.36 -4.52
C LEU B 366 12.30 -9.85 -4.28
N ASP B 367 13.43 -9.32 -3.83
CA ASP B 367 13.50 -7.92 -3.46
C ASP B 367 14.71 -7.14 -4.00
N ALA B 368 14.49 -5.88 -4.35
CA ALA B 368 15.55 -5.00 -4.84
C ALA B 368 15.68 -3.82 -3.87
N ALA B 369 16.87 -3.63 -3.31
CA ALA B 369 17.08 -2.53 -2.35
C ALA B 369 17.39 -1.19 -3.00
N GLY B 370 17.46 -1.18 -4.33
CA GLY B 370 17.75 0.06 -5.03
C GLY B 370 17.07 0.07 -6.38
N THR B 371 17.29 1.13 -7.15
CA THR B 371 16.67 1.25 -8.47
C THR B 371 17.69 1.40 -9.62
N GLY B 372 18.96 1.53 -9.28
CA GLY B 372 19.97 1.69 -10.31
C GLY B 372 20.65 0.40 -10.72
N ASN B 373 21.46 0.46 -11.78
CA ASN B 373 22.17 -0.72 -12.26
C ASN B 373 23.08 -1.25 -11.16
N GLY B 374 23.22 -2.57 -11.11
CA GLY B 374 24.08 -3.16 -10.11
C GLY B 374 23.38 -3.46 -8.80
N THR B 375 22.15 -2.96 -8.66
CA THR B 375 21.38 -3.21 -7.44
C THR B 375 21.27 -4.70 -7.22
N LYS B 376 21.61 -5.15 -6.01
CA LYS B 376 21.52 -6.57 -5.70
C LYS B 376 20.07 -7.02 -5.58
N VAL B 377 19.78 -8.19 -6.14
CA VAL B 377 18.44 -8.76 -6.06
C VAL B 377 18.54 -9.79 -4.95
N GLN B 378 17.68 -9.64 -3.94
CA GLN B 378 17.71 -10.51 -2.77
C GLN B 378 16.32 -10.96 -2.36
N ILE B 379 16.24 -11.56 -1.17
CA ILE B 379 14.96 -11.97 -0.61
C ILE B 379 14.75 -11.12 0.64
N TYR B 380 13.49 -10.78 0.91
CA TYR B 380 13.14 -9.96 2.07
C TYR B 380 11.68 -10.27 2.36
N SER B 381 11.26 -10.05 3.60
CA SER B 381 9.88 -10.31 3.98
C SER B 381 8.93 -9.60 3.01
N CYS B 382 7.87 -10.29 2.60
CA CYS B 382 6.91 -9.71 1.68
C CYS B 382 6.08 -8.62 2.37
N TRP B 383 5.96 -7.45 1.73
CA TRP B 383 5.17 -6.37 2.31
C TRP B 383 4.45 -5.53 1.25
N GLY B 384 4.65 -5.86 -0.02
CA GLY B 384 3.96 -5.14 -1.08
C GLY B 384 4.65 -3.94 -1.70
N GLY B 385 5.92 -3.71 -1.37
CA GLY B 385 6.62 -2.57 -1.96
C GLY B 385 6.78 -2.78 -3.45
N ASP B 386 6.84 -1.70 -4.23
CA ASP B 386 7.00 -1.83 -5.67
C ASP B 386 8.35 -2.44 -6.04
N ASN B 387 9.27 -2.41 -5.08
CA ASN B 387 10.59 -2.98 -5.30
C ASN B 387 10.52 -4.49 -5.09
N GLN B 388 9.32 -4.99 -4.84
CA GLN B 388 9.09 -6.42 -4.66
C GLN B 388 8.10 -6.89 -5.71
N LYS B 389 7.84 -6.05 -6.70
CA LYS B 389 6.92 -6.41 -7.77
C LYS B 389 7.66 -6.53 -9.09
N TRP B 390 7.23 -7.50 -9.90
CA TRP B 390 7.89 -7.76 -11.17
C TRP B 390 6.91 -8.03 -12.29
N ARG B 391 7.35 -7.74 -13.52
CA ARG B 391 6.53 -7.97 -14.70
C ARG B 391 7.22 -9.02 -15.55
N LEU B 392 6.50 -10.09 -15.87
CA LEU B 392 7.03 -11.17 -16.67
C LEU B 392 6.68 -10.91 -18.13
N ASN B 393 7.65 -10.41 -18.89
CA ASN B 393 7.42 -10.10 -20.30
C ASN B 393 7.40 -11.30 -21.22
N SER B 394 6.92 -11.10 -22.44
CA SER B 394 6.83 -12.16 -23.43
C SER B 394 8.21 -12.61 -23.88
N ASP B 395 9.12 -11.64 -24.07
CA ASP B 395 10.47 -11.96 -24.51
C ASP B 395 11.23 -12.77 -23.46
N GLY B 396 10.59 -13.02 -22.33
CA GLY B 396 11.23 -13.80 -21.28
C GLY B 396 11.98 -12.98 -20.25
N SER B 397 11.89 -11.66 -20.35
CA SER B 397 12.58 -10.80 -19.40
C SER B 397 11.69 -10.57 -18.18
N ILE B 398 12.32 -10.28 -17.05
CA ILE B 398 11.60 -10.02 -15.80
C ILE B 398 12.05 -8.63 -15.34
N VAL B 399 11.12 -7.68 -15.40
CA VAL B 399 11.40 -6.30 -15.04
C VAL B 399 10.82 -5.88 -13.70
N GLY B 400 11.63 -5.16 -12.92
CA GLY B 400 11.17 -4.68 -11.62
C GLY B 400 10.27 -3.48 -11.83
N VAL B 401 9.08 -3.50 -11.23
CA VAL B 401 8.14 -2.40 -11.38
C VAL B 401 8.70 -1.05 -10.97
N GLN B 402 9.24 -0.95 -9.77
CA GLN B 402 9.78 0.31 -9.29
C GLN B 402 10.99 0.82 -10.07
N SER B 403 11.91 -0.09 -10.41
CA SER B 403 13.13 0.30 -11.12
C SER B 403 13.03 0.36 -12.63
N GLY B 404 12.22 -0.52 -13.21
CA GLY B 404 12.11 -0.56 -14.66
C GLY B 404 13.30 -1.28 -15.24
N LEU B 405 14.10 -1.92 -14.37
CA LEU B 405 15.28 -2.65 -14.78
C LEU B 405 15.01 -4.16 -14.79
N CYS B 406 15.81 -4.88 -15.57
CA CYS B 406 15.66 -6.33 -15.71
C CYS B 406 16.54 -7.14 -14.77
N LEU B 407 16.08 -8.35 -14.45
CA LEU B 407 16.85 -9.25 -13.60
C LEU B 407 18.04 -9.61 -14.49
N ASP B 408 19.25 -9.44 -13.95
CA ASP B 408 20.45 -9.69 -14.73
C ASP B 408 21.46 -10.60 -14.04
N ALA B 409 22.00 -11.57 -14.79
CA ALA B 409 23.01 -12.46 -14.25
C ALA B 409 24.34 -11.73 -14.41
N VAL B 410 24.88 -11.25 -13.29
CA VAL B 410 26.13 -10.50 -13.26
C VAL B 410 27.20 -10.95 -14.25
N GLY B 411 27.74 -9.98 -14.98
CA GLY B 411 28.78 -10.27 -15.96
C GLY B 411 28.44 -11.33 -16.99
N GLY B 412 27.16 -11.69 -17.05
CA GLY B 412 26.73 -12.71 -18.00
C GLY B 412 27.16 -14.10 -17.54
N GLY B 413 27.51 -14.21 -16.27
CA GLY B 413 27.92 -15.49 -15.70
C GLY B 413 26.92 -16.59 -15.97
N THR B 414 27.40 -17.83 -16.02
CA THR B 414 26.52 -18.97 -16.29
C THR B 414 26.73 -20.10 -15.29
N ALA B 415 27.84 -20.05 -14.56
CA ALA B 415 28.14 -21.10 -13.58
C ALA B 415 27.43 -20.88 -12.25
N ASN B 416 27.44 -21.92 -11.42
CA ASN B 416 26.81 -21.83 -10.11
C ASN B 416 27.48 -20.71 -9.33
N GLY B 417 26.70 -19.97 -8.55
CA GLY B 417 27.25 -18.89 -7.76
C GLY B 417 27.10 -17.54 -8.44
N THR B 418 26.72 -17.55 -9.71
CA THR B 418 26.53 -16.30 -10.45
C THR B 418 25.43 -15.50 -9.76
N LEU B 419 25.76 -14.30 -9.30
CA LEU B 419 24.80 -13.44 -8.60
C LEU B 419 23.81 -12.77 -9.54
N ILE B 420 22.67 -12.37 -8.99
CA ILE B 420 21.62 -11.71 -9.75
C ILE B 420 21.53 -10.25 -9.33
N GLN B 421 21.38 -9.36 -10.32
CA GLN B 421 21.29 -7.92 -10.05
C GLN B 421 20.26 -7.29 -10.98
N LEU B 422 20.06 -5.99 -10.81
CA LEU B 422 19.16 -5.24 -11.67
C LEU B 422 20.07 -4.58 -12.70
N TYR B 423 19.59 -4.39 -13.92
CA TYR B 423 20.40 -3.78 -14.95
C TYR B 423 19.54 -3.41 -16.16
N SER B 424 19.87 -2.29 -16.79
CA SER B 424 19.12 -1.84 -17.97
C SER B 424 18.89 -3.03 -18.89
N CYS B 425 17.61 -3.30 -19.19
CA CYS B 425 17.25 -4.41 -20.05
C CYS B 425 18.00 -4.36 -21.37
N SER B 426 18.31 -5.52 -21.93
CA SER B 426 19.07 -5.58 -23.18
C SER B 426 18.73 -6.81 -24.05
N ASN B 427 17.71 -7.55 -23.67
CA ASN B 427 17.32 -8.74 -24.42
C ASN B 427 18.43 -9.79 -24.44
N GLY B 428 19.44 -9.58 -23.60
CA GLY B 428 20.54 -10.52 -23.54
C GLY B 428 20.07 -11.85 -22.98
N SER B 429 20.78 -12.93 -23.30
CA SER B 429 20.41 -14.25 -22.81
C SER B 429 20.53 -14.35 -21.28
N ASN B 430 21.29 -13.44 -20.69
CA ASN B 430 21.47 -13.44 -19.24
C ASN B 430 20.34 -12.70 -18.53
N GLN B 431 19.39 -12.18 -19.31
CA GLN B 431 18.24 -11.46 -18.75
C GLN B 431 16.96 -12.14 -19.24
N ARG B 432 17.11 -13.30 -19.85
CA ARG B 432 15.97 -14.05 -20.37
C ARG B 432 15.75 -15.27 -19.48
N TRP B 433 14.50 -15.53 -19.12
CA TRP B 433 14.18 -16.66 -18.25
C TRP B 433 12.99 -17.47 -18.75
N THR B 434 12.94 -18.73 -18.36
CA THR B 434 11.85 -19.61 -18.77
C THR B 434 11.12 -20.20 -17.57
N ARG B 435 9.79 -20.18 -17.63
CA ARG B 435 8.96 -20.70 -16.56
C ARG B 435 8.80 -22.21 -16.72
N THR B 436 9.67 -22.98 -16.07
CA THR B 436 9.62 -24.43 -16.15
C THR B 436 8.93 -25.03 -14.93
C1 XYS C . 18.48 9.78 12.70
C2 XYS C . 18.29 10.80 13.86
C3 XYS C . 16.80 11.24 14.03
C4 XYS C . 16.26 11.35 12.65
C5 XYS C . 16.18 9.86 12.14
O2 XYS C . 18.76 10.24 15.07
O3 XYS C . 16.75 12.51 14.67
O4 XYS C . 14.95 11.95 12.70
O5 XYS C . 17.28 9.04 12.62
C1 XYS C . 14.53 12.64 11.56
C2 XYS C . 13.13 13.19 11.81
C3 XYS C . 12.69 14.00 10.58
C4 XYS C . 13.70 15.12 10.36
C5 XYS C . 15.10 14.50 10.16
O2 XYS C . 12.22 12.12 12.04
O3 XYS C . 11.40 14.54 10.80
O4 XYS C . 13.33 15.86 9.21
O5 XYS C . 15.45 13.71 11.32
C1 XYS D . -19.92 6.10 -12.04
C2 XYS D . -20.08 7.12 -13.21
C3 XYS D . -18.77 7.92 -13.47
C4 XYS D . -18.20 8.15 -12.13
C5 XYS D . -17.69 6.73 -11.66
O1 XYS D . -20.17 6.69 -10.81
O2 XYS D . -20.45 6.44 -14.40
O3 XYS D . -19.10 9.16 -14.09
O4 XYS D . -17.08 9.06 -12.23
O5 XYS D . -18.60 5.66 -12.07
C1 XYS D . -16.80 9.81 -11.10
C2 XYS D . -15.56 10.66 -11.36
C3 XYS D . -15.28 11.51 -10.11
C4 XYS D . -16.51 12.36 -9.82
C5 XYS D . -17.72 11.44 -9.61
O2 XYS D . -14.46 9.81 -11.60
O3 XYS D . -14.17 12.35 -10.38
O4 XYS D . -16.29 13.12 -8.63
O5 XYS D . -17.93 10.63 -10.79
C1 NPO E . 19.39 8.04 8.06
C2 NPO E . 19.18 9.41 7.94
C3 NPO E . 18.94 10.20 9.08
C4 NPO E . 18.95 9.61 10.35
C5 NPO E . 19.17 8.24 10.47
C6 NPO E . 19.39 7.46 9.33
OH NPO E . 18.73 10.41 11.48
N1 NPO E . 19.62 7.20 6.85
O2 NPO E . 19.61 7.77 5.75
O3 NPO E . 19.81 5.99 7.01
C1 GOL F . 2.10 5.57 30.56
O1 GOL F . 2.61 6.77 30.01
C2 GOL F . 0.94 5.04 29.75
O2 GOL F . -0.09 6.02 29.82
C3 GOL F . 0.39 3.76 30.32
O3 GOL F . 1.38 2.75 30.37
C1 GOL G . 8.04 25.86 12.84
O1 GOL G . 6.65 25.65 13.00
C2 GOL G . 8.71 26.16 14.16
O2 GOL G . 8.14 27.35 14.68
C3 GOL G . 10.20 26.41 14.01
O3 GOL G . 10.81 26.70 15.26
C1 GOL H . -16.11 -27.36 2.24
O1 GOL H . -17.08 -26.79 1.38
C2 GOL H . -16.13 -28.85 2.17
O2 GOL H . -17.42 -29.27 2.61
C3 GOL H . -15.12 -29.48 3.10
O3 GOL H . -13.81 -29.05 2.78
C1 NPO I . -19.90 0.94 -6.88
C2 NPO I . -19.75 1.34 -8.21
C3 NPO I . -20.20 2.60 -8.63
C4 NPO I . -20.80 3.47 -7.72
C5 NPO I . -20.95 3.08 -6.40
C6 NPO I . -20.50 1.83 -5.97
OH NPO I . -21.24 4.70 -8.14
N1 NPO I . -19.42 -0.39 -6.43
O2 NPO I . -18.89 -1.12 -7.27
O3 NPO I . -19.56 -0.69 -5.24
C1 GOL J . 17.92 -12.93 9.97
O1 GOL J . 18.57 -13.34 11.16
C2 GOL J . 16.58 -12.29 10.26
O2 GOL J . 15.76 -13.28 10.89
C3 GOL J . 15.87 -11.85 9.00
O3 GOL J . 15.63 -12.95 8.15
C1 GOL K . 0.59 -7.97 1.72
O1 GOL K . 0.70 -6.56 1.82
C2 GOL K . 1.47 -8.53 0.61
O2 GOL K . 2.81 -8.13 0.90
C3 GOL K . 1.12 -7.98 -0.76
O3 GOL K . -0.21 -8.29 -1.12
C1 GOL L . 22.09 -25.79 -2.51
O1 GOL L . 21.20 -26.72 -1.90
C2 GOL L . 21.35 -24.58 -3.04
O2 GOL L . 20.45 -25.06 -4.04
C3 GOL L . 22.27 -23.58 -3.72
O3 GOL L . 23.25 -23.10 -2.81
C1 GOL M . 25.43 -6.45 -17.20
O1 GOL M . 24.86 -6.91 -18.42
C2 GOL M . 26.43 -7.46 -16.65
O2 GOL M . 25.71 -8.66 -16.40
C3 GOL M . 27.05 -7.02 -15.34
O3 GOL M . 27.75 -5.80 -15.49
#